data_2PV0
#
_entry.id   2PV0
#
_cell.length_a   267.200
_cell.length_b   267.200
_cell.length_c   149.500
_cell.angle_alpha   90.00
_cell.angle_beta   90.00
_cell.angle_gamma   120.00
#
_symmetry.space_group_name_H-M   'P 61 2 2'
#
loop_
_entity.id
_entity.type
_entity.pdbx_description
1 polymer 'DNA (cytosine-5)-methyltransferase 3-like'
2 non-polymer 'ZINC ION'
#
_entity_poly.entity_id   1
_entity_poly.type   'polypeptide(L)'
_entity_poly.pdbx_seq_one_letter_code
;MAAIPALDPEAEPSMDVILVGSSELSSSVSPGTGRDLIAYEVKANQRNIEDICICCGSLQVHTQHPLFEGGICAPCKDKF
LDALFLYDDDGYQSYCSICCSGETLLICGNPDCTRCYCFECVDSLVGPGTSGKVHAMSNWVCYLCLPSSRSGLLQRRRKW
RSQLKAFYDRESENPLEMFETVPVWRRQPVRVLSLFEDIKKELTSLGFLESGSDPGQLKHVVDVTDTVRKDVEEWGPFDL
VYGATPPLGHTCDRPPSWYLFQFHRLLQYARPKPGSPGPFFWMFVDNLVLNKEDLDVASRFLEMEPVTIPDVHGGSLQNA
VRVWSNIPAIRSRHWALVSEEELSLLAQNKQSSKLAAKWPTKLVKNCFLPLREYFKYFSTELTSSL
;
_entity_poly.pdbx_strand_id   B,A,C
#
loop_
_chem_comp.id
_chem_comp.type
_chem_comp.name
_chem_comp.formula
ZN non-polymer 'ZINC ION' 'Zn 2'
#
# COMPACT_ATOMS: atom_id res chain seq x y z
N GLY A 34 38.45 61.75 9.11
CA GLY A 34 38.12 62.78 8.06
C GLY A 34 36.67 63.27 8.05
N ARG A 35 36.02 63.30 9.22
CA ARG A 35 34.62 63.72 9.31
C ARG A 35 34.29 65.13 8.89
N ASP A 36 35.15 66.07 9.26
CA ASP A 36 34.94 67.48 8.93
C ASP A 36 35.03 67.70 7.41
N LEU A 37 35.59 66.70 6.74
CA LEU A 37 35.77 66.77 5.30
C LEU A 37 34.54 66.29 4.53
N ILE A 38 33.91 65.23 5.01
CA ILE A 38 32.76 64.69 4.31
C ILE A 38 31.65 65.69 3.98
N ALA A 39 31.36 66.63 4.87
CA ALA A 39 30.30 67.59 4.58
C ALA A 39 30.61 68.33 3.27
N TYR A 40 31.90 68.48 3.01
CA TYR A 40 32.36 69.15 1.80
C TYR A 40 32.12 68.18 0.66
N GLU A 41 32.88 67.08 0.67
CA GLU A 41 32.83 66.00 -0.32
C GLU A 41 31.48 65.97 -0.99
N VAL A 42 30.47 65.71 -0.18
CA VAL A 42 29.08 65.62 -0.60
C VAL A 42 28.44 66.85 -1.21
N LYS A 43 28.90 68.04 -0.83
CA LYS A 43 28.32 69.27 -1.38
C LYS A 43 29.24 69.94 -2.41
N ALA A 44 30.52 69.67 -2.30
CA ALA A 44 31.49 70.26 -3.21
C ALA A 44 31.80 69.31 -4.35
N ASN A 45 32.45 68.19 -4.04
CA ASN A 45 32.81 67.18 -5.03
C ASN A 45 31.58 66.37 -5.49
N GLN A 46 30.40 66.87 -5.12
CA GLN A 46 29.13 66.25 -5.44
C GLN A 46 29.16 64.73 -5.46
N ARG A 47 29.65 64.14 -4.37
CA ARG A 47 29.71 62.70 -4.25
C ARG A 47 28.47 62.22 -3.52
N ASN A 48 28.28 60.91 -3.50
CA ASN A 48 27.12 60.34 -2.84
C ASN A 48 27.54 59.84 -1.47
N ILE A 49 26.80 60.27 -0.45
CA ILE A 49 27.12 59.88 0.91
C ILE A 49 27.41 58.39 0.99
N GLU A 50 26.73 57.62 0.15
CA GLU A 50 26.90 56.17 0.12
C GLU A 50 28.35 55.80 -0.13
N ASP A 51 29.10 56.73 -0.73
CA ASP A 51 30.48 56.46 -1.06
C ASP A 51 31.50 56.76 0.04
N ILE A 52 31.06 57.45 1.10
CA ILE A 52 31.95 57.76 2.22
C ILE A 52 31.44 57.16 3.51
N CYS A 53 32.33 56.48 4.23
CA CYS A 53 31.99 55.87 5.51
C CYS A 53 31.45 56.91 6.49
N ILE A 54 30.16 57.26 6.44
CA ILE A 54 29.65 58.29 7.35
C ILE A 54 30.04 58.13 8.80
N CYS A 55 30.68 57.00 9.11
CA CYS A 55 31.14 56.75 10.46
C CYS A 55 32.40 57.55 10.75
N CYS A 56 33.52 57.05 10.21
CA CYS A 56 34.85 57.65 10.38
C CYS A 56 35.17 58.72 9.33
N GLY A 57 34.46 58.73 8.22
CA GLY A 57 34.72 59.72 7.20
C GLY A 57 35.43 59.22 5.95
N SER A 58 36.11 58.07 6.05
CA SER A 58 36.84 57.48 4.91
C SER A 58 36.11 57.36 3.55
N LEU A 59 36.88 57.32 2.47
CA LEU A 59 36.31 57.22 1.13
C LEU A 59 36.24 55.78 0.63
N GLN A 60 36.89 54.89 1.38
CA GLN A 60 36.91 53.49 1.03
C GLN A 60 35.83 52.69 1.77
N VAL A 61 34.60 52.78 1.27
CA VAL A 61 33.47 52.07 1.87
C VAL A 61 33.54 50.58 1.60
N HIS A 62 33.02 49.82 2.55
CA HIS A 62 32.97 48.37 2.46
C HIS A 62 31.59 47.98 1.93
N THR A 63 30.60 48.04 2.83
CA THR A 63 29.21 47.75 2.49
C THR A 63 28.52 49.08 2.73
N GLN A 64 27.20 49.12 2.80
CA GLN A 64 26.57 50.41 3.07
C GLN A 64 26.11 50.42 4.52
N HIS A 65 25.75 51.60 5.03
CA HIS A 65 25.32 51.73 6.41
C HIS A 65 23.88 51.25 6.59
N PRO A 66 23.65 50.44 7.63
CA PRO A 66 22.33 49.88 7.96
C PRO A 66 21.30 50.98 8.21
N LEU A 67 21.49 51.73 9.30
CA LEU A 67 20.55 52.76 9.72
C LEU A 67 20.46 54.08 8.97
N PHE A 68 21.59 54.61 8.50
CA PHE A 68 21.50 55.87 7.80
C PHE A 68 22.11 55.82 6.41
N GLU A 69 21.56 56.66 5.54
CA GLU A 69 22.01 56.75 4.17
C GLU A 69 23.49 57.10 4.15
N GLY A 70 24.32 56.13 3.78
CA GLY A 70 25.75 56.34 3.74
C GLY A 70 26.49 55.02 3.78
N GLY A 71 27.80 55.03 3.53
CA GLY A 71 28.54 53.78 3.53
C GLY A 71 29.25 53.51 4.84
N ILE A 72 29.99 52.41 4.91
CA ILE A 72 30.73 52.04 6.11
C ILE A 72 32.04 51.50 5.61
N CYS A 73 33.09 51.65 6.41
CA CYS A 73 34.37 51.14 6.02
C CYS A 73 34.52 49.82 6.77
N ALA A 74 35.40 48.97 6.27
CA ALA A 74 35.63 47.69 6.90
C ALA A 74 35.91 47.79 8.40
N PRO A 75 36.99 48.50 8.78
CA PRO A 75 37.36 48.65 10.19
C PRO A 75 36.21 49.07 11.08
N CYS A 76 35.37 49.95 10.56
CA CYS A 76 34.23 50.48 11.30
C CYS A 76 33.12 49.45 11.44
N LYS A 77 32.77 48.82 10.33
CA LYS A 77 31.73 47.81 10.37
C LYS A 77 32.02 46.66 11.36
N ASP A 78 33.26 46.26 11.51
CA ASP A 78 33.54 45.20 12.46
C ASP A 78 33.27 45.70 13.89
N LYS A 79 33.31 47.01 14.08
CA LYS A 79 33.07 47.58 15.40
C LYS A 79 31.59 47.72 15.63
N PHE A 80 30.84 47.79 14.52
CA PHE A 80 29.40 47.92 14.56
C PHE A 80 28.79 46.59 14.99
N LEU A 81 29.11 45.54 14.24
CA LEU A 81 28.64 44.20 14.56
C LEU A 81 28.96 43.88 16.01
N ASP A 82 30.07 44.46 16.48
CA ASP A 82 30.53 44.24 17.82
C ASP A 82 29.64 44.82 18.91
N ALA A 83 28.74 45.73 18.55
CA ALA A 83 27.88 46.34 19.56
C ALA A 83 26.38 46.29 19.26
N LEU A 84 25.93 45.28 18.52
CA LEU A 84 24.52 45.20 18.12
C LEU A 84 23.42 45.13 19.17
N PHE A 85 23.60 44.40 20.26
CA PHE A 85 22.55 44.41 21.25
C PHE A 85 23.14 44.62 22.64
N LEU A 86 24.13 45.50 22.70
CA LEU A 86 24.84 45.84 23.93
C LEU A 86 24.05 46.87 24.73
N TYR A 87 23.77 46.55 25.98
CA TYR A 87 23.00 47.43 26.83
C TYR A 87 23.73 47.69 28.13
N ASP A 88 23.62 48.92 28.62
CA ASP A 88 24.25 49.34 29.88
C ASP A 88 23.68 48.57 31.05
N ASP A 89 24.50 48.38 32.08
CA ASP A 89 24.08 47.63 33.28
C ASP A 89 22.78 48.17 33.85
N ASP A 90 22.15 49.05 33.09
CA ASP A 90 20.89 49.64 33.49
C ASP A 90 20.33 50.41 32.30
N GLY A 91 21.05 51.46 31.93
CA GLY A 91 20.64 52.33 30.83
C GLY A 91 20.24 51.74 29.50
N TYR A 92 20.23 52.63 28.51
CA TYR A 92 19.87 52.36 27.13
C TYR A 92 20.99 51.65 26.39
N GLN A 93 20.93 51.71 25.06
CA GLN A 93 21.96 51.09 24.24
C GLN A 93 23.24 51.74 24.71
N SER A 94 24.37 51.08 24.43
CA SER A 94 25.66 51.58 24.87
C SER A 94 26.40 52.52 23.93
N TYR A 95 26.52 52.13 22.67
CA TYR A 95 27.28 52.94 21.72
C TYR A 95 26.54 53.91 20.81
N CYS A 96 27.30 54.72 20.10
CA CYS A 96 26.72 55.71 19.19
C CYS A 96 25.92 54.96 18.11
N SER A 97 24.61 55.18 18.09
CA SER A 97 23.76 54.50 17.10
C SER A 97 24.29 54.58 15.67
N ILE A 98 25.10 55.59 15.37
CA ILE A 98 25.62 55.74 14.02
C ILE A 98 27.05 55.26 13.83
N CYS A 99 27.89 55.46 14.84
CA CYS A 99 29.31 55.12 14.75
C CYS A 99 29.86 54.10 15.76
N CYS A 100 29.21 53.97 16.91
CA CYS A 100 29.62 53.03 17.94
C CYS A 100 30.63 53.55 18.95
N SER A 101 30.89 54.85 18.95
CA SER A 101 31.85 55.40 19.92
C SER A 101 31.29 55.31 21.32
N GLY A 102 32.14 55.39 22.33
CA GLY A 102 31.66 55.30 23.69
C GLY A 102 31.24 56.64 24.25
N GLU A 103 32.17 57.25 24.98
CA GLU A 103 31.98 58.55 25.62
C GLU A 103 31.35 59.63 24.75
N THR A 104 30.82 60.66 25.43
CA THR A 104 30.14 61.80 24.81
C THR A 104 28.86 61.29 24.15
N LEU A 105 27.74 61.37 24.87
CA LEU A 105 26.49 60.87 24.30
C LEU A 105 25.28 61.77 24.43
N LEU A 106 24.35 61.60 23.51
CA LEU A 106 23.12 62.38 23.49
C LEU A 106 21.94 61.43 23.50
N ILE A 107 21.52 60.99 24.68
CA ILE A 107 20.40 60.08 24.84
C ILE A 107 19.10 60.59 24.23
N CYS A 108 18.26 59.67 23.76
CA CYS A 108 16.98 60.05 23.17
C CYS A 108 16.03 60.31 24.32
N GLY A 109 15.36 61.46 24.29
CA GLY A 109 14.43 61.81 25.35
C GLY A 109 13.17 60.95 25.37
N ASN A 110 12.87 60.35 24.22
CA ASN A 110 11.72 59.48 24.07
C ASN A 110 11.86 58.35 25.10
N PRO A 111 10.73 57.84 25.62
CA PRO A 111 10.68 56.76 26.61
C PRO A 111 11.00 55.36 26.08
N ASP A 112 10.24 54.94 25.08
CA ASP A 112 10.43 53.61 24.48
C ASP A 112 11.56 53.61 23.44
N CYS A 113 12.63 54.33 23.76
CA CYS A 113 13.81 54.42 22.90
C CYS A 113 15.11 54.42 23.69
N THR A 114 15.94 53.41 23.45
CA THR A 114 17.22 53.29 24.13
C THR A 114 18.32 54.02 23.37
N ARG A 115 18.11 54.22 22.08
CA ARG A 115 19.07 54.88 21.20
C ARG A 115 19.73 56.10 21.85
N CYS A 116 20.90 56.46 21.33
CA CYS A 116 21.64 57.64 21.76
C CYS A 116 22.81 57.83 20.81
N TYR A 117 23.11 59.09 20.52
CA TYR A 117 24.16 59.40 19.56
C TYR A 117 25.29 60.28 20.07
N CYS A 118 26.48 60.05 19.52
CA CYS A 118 27.69 60.78 19.90
C CYS A 118 27.78 62.16 19.24
N PHE A 119 28.41 63.11 19.96
CA PHE A 119 28.59 64.50 19.55
C PHE A 119 29.15 64.72 18.17
N GLU A 120 30.33 64.15 17.91
CA GLU A 120 30.95 64.32 16.59
C GLU A 120 30.00 63.89 15.47
N CYS A 121 29.50 62.65 15.60
CA CYS A 121 28.57 62.07 14.63
C CYS A 121 27.53 63.10 14.20
N VAL A 122 26.86 63.66 15.20
CA VAL A 122 25.84 64.66 14.97
C VAL A 122 26.45 65.79 14.14
N ASP A 123 27.35 66.54 14.78
CA ASP A 123 27.98 67.69 14.13
C ASP A 123 28.58 67.42 12.76
N SER A 124 29.24 66.28 12.61
CA SER A 124 29.85 65.94 11.34
C SER A 124 28.85 65.67 10.21
N LEU A 125 27.68 65.11 10.54
CA LEU A 125 26.66 64.79 9.54
C LEU A 125 25.43 65.71 9.53
N VAL A 126 24.79 65.92 10.67
CA VAL A 126 23.59 66.75 10.68
C VAL A 126 23.88 68.20 10.44
N GLY A 127 25.08 68.61 10.82
CA GLY A 127 25.47 69.99 10.64
C GLY A 127 26.30 70.39 11.83
N PRO A 128 27.01 71.53 11.75
CA PRO A 128 27.85 71.96 12.87
C PRO A 128 27.02 72.82 13.84
N GLY A 129 27.31 72.66 15.12
CA GLY A 129 26.59 73.42 16.12
C GLY A 129 25.34 72.72 16.58
N THR A 130 25.21 71.45 16.23
CA THR A 130 24.01 70.74 16.63
C THR A 130 24.21 70.00 17.94
N SER A 131 25.38 69.39 18.13
CA SER A 131 25.56 68.66 19.37
C SER A 131 25.27 69.60 20.53
N GLY A 132 25.67 70.87 20.39
CA GLY A 132 25.40 71.85 21.42
C GLY A 132 23.90 72.03 21.55
N LYS A 133 23.23 72.33 20.44
CA LYS A 133 21.78 72.52 20.48
C LYS A 133 21.11 71.34 21.16
N VAL A 134 21.43 70.13 20.69
CA VAL A 134 20.84 68.93 21.23
C VAL A 134 21.08 68.81 22.73
N HIS A 135 22.34 68.68 23.11
CA HIS A 135 22.72 68.54 24.52
C HIS A 135 22.02 69.55 25.42
N ALA A 136 21.63 70.67 24.82
CA ALA A 136 20.98 71.72 25.56
C ALA A 136 19.51 71.43 25.77
N MET A 137 18.89 70.73 24.82
CA MET A 137 17.47 70.39 24.88
C MET A 137 17.09 69.50 26.05
N SER A 138 15.81 69.59 26.44
CA SER A 138 15.28 68.81 27.56
C SER A 138 14.52 67.57 27.10
N ASN A 139 13.77 67.71 26.01
CA ASN A 139 13.00 66.61 25.46
C ASN A 139 13.30 66.48 23.97
N TRP A 140 14.32 65.69 23.67
CA TRP A 140 14.75 65.48 22.29
C TRP A 140 14.25 64.16 21.72
N VAL A 141 13.91 64.17 20.43
CA VAL A 141 13.46 62.95 19.77
C VAL A 141 14.55 62.55 18.79
N CYS A 142 15.17 61.39 19.00
CA CYS A 142 16.26 60.94 18.12
C CYS A 142 15.91 60.97 16.64
N TYR A 143 16.74 60.43 15.77
CA TYR A 143 16.42 60.49 14.36
C TYR A 143 15.58 59.31 13.93
N LEU A 144 16.01 58.12 14.32
CA LEU A 144 15.26 56.92 14.00
C LEU A 144 13.85 57.04 14.60
N CYS A 145 13.70 57.99 15.53
CA CYS A 145 12.42 58.23 16.21
C CYS A 145 11.53 59.25 15.49
N LEU A 146 11.96 60.49 15.47
CA LEU A 146 11.19 61.55 14.84
C LEU A 146 10.79 61.19 13.42
N PRO A 147 9.72 61.84 12.93
CA PRO A 147 9.11 61.69 11.60
C PRO A 147 10.10 61.82 10.45
N SER A 148 10.14 63.01 9.85
CA SER A 148 11.04 63.29 8.73
C SER A 148 12.37 62.57 8.91
N SER A 149 12.93 62.09 7.81
CA SER A 149 14.19 61.38 7.87
C SER A 149 15.39 62.30 7.69
N ARG A 150 15.24 63.31 6.83
CA ARG A 150 16.32 64.23 6.55
C ARG A 150 16.68 65.18 7.68
N SER A 151 17.98 65.33 7.89
CA SER A 151 18.55 66.21 8.90
C SER A 151 19.92 66.58 8.36
N GLY A 152 19.96 67.55 7.47
CA GLY A 152 21.22 67.93 6.90
C GLY A 152 21.70 66.82 5.97
N LEU A 153 22.51 65.90 6.46
CA LEU A 153 22.95 64.81 5.59
C LEU A 153 22.57 63.50 6.23
N LEU A 154 22.22 63.55 7.52
CA LEU A 154 21.81 62.34 8.22
C LEU A 154 20.48 61.97 7.61
N GLN A 155 20.46 60.80 6.96
CA GLN A 155 19.26 60.29 6.32
C GLN A 155 18.97 58.92 6.88
N ARG A 156 17.80 58.79 7.50
CA ARG A 156 17.39 57.53 8.08
C ARG A 156 16.77 56.74 6.95
N ARG A 157 17.24 55.52 6.75
CA ARG A 157 16.72 54.69 5.68
C ARG A 157 15.30 54.22 5.97
N ARG A 158 14.53 54.02 4.90
CA ARG A 158 13.17 53.53 5.02
C ARG A 158 13.34 52.02 5.19
N LYS A 159 12.64 51.44 6.16
CA LYS A 159 12.76 50.00 6.41
C LYS A 159 14.20 49.76 6.83
N TRP A 160 14.58 50.32 7.96
CA TRP A 160 15.95 50.14 8.41
C TRP A 160 16.06 48.95 9.34
N ARG A 161 15.08 48.81 10.23
CA ARG A 161 15.11 47.69 11.18
C ARG A 161 15.37 46.43 10.37
N SER A 162 14.84 46.46 9.15
CA SER A 162 14.98 45.36 8.21
C SER A 162 16.44 45.26 7.74
N GLN A 163 16.89 46.35 7.13
CA GLN A 163 18.24 46.42 6.60
C GLN A 163 19.29 46.17 7.68
N LEU A 164 18.93 46.46 8.92
CA LEU A 164 19.87 46.24 10.01
C LEU A 164 20.20 44.76 10.01
N LYS A 165 19.18 43.91 10.13
CA LYS A 165 19.37 42.45 10.11
C LYS A 165 20.04 42.03 8.80
N ALA A 166 19.45 42.48 7.70
CA ALA A 166 19.98 42.19 6.37
C ALA A 166 21.49 42.30 6.48
N PHE A 167 21.89 43.41 7.07
CA PHE A 167 23.29 43.73 7.32
C PHE A 167 23.94 42.65 8.18
N TYR A 168 23.41 42.42 9.37
CA TYR A 168 23.96 41.42 10.28
C TYR A 168 24.23 40.09 9.60
N ASP A 169 23.21 39.60 8.89
CA ASP A 169 23.34 38.33 8.19
C ASP A 169 24.52 38.39 7.24
N ARG A 170 24.47 39.34 6.31
CA ARG A 170 25.51 39.52 5.31
C ARG A 170 26.93 39.81 5.82
N GLU A 171 27.07 40.79 6.69
CA GLU A 171 28.39 41.16 7.15
C GLU A 171 29.11 40.31 8.18
N SER A 172 28.41 39.53 9.00
CA SER A 172 29.16 38.75 9.95
C SER A 172 29.73 37.55 9.23
N GLU A 173 30.54 36.75 9.92
CA GLU A 173 31.13 35.57 9.30
C GLU A 173 30.64 34.28 9.95
N ASN A 174 29.83 34.44 10.99
CA ASN A 174 29.26 33.31 11.71
C ASN A 174 27.88 33.74 12.19
N PRO A 175 27.01 34.15 11.24
CA PRO A 175 25.66 34.59 11.58
C PRO A 175 24.95 33.65 12.55
N LEU A 176 24.09 34.20 13.40
CA LEU A 176 23.34 33.37 14.32
C LEU A 176 21.87 33.66 14.06
N GLU A 177 20.99 33.08 14.86
CA GLU A 177 19.58 33.30 14.62
C GLU A 177 19.36 34.78 14.88
N MET A 178 18.91 35.50 13.85
CA MET A 178 18.67 36.92 13.99
C MET A 178 17.30 37.37 13.55
N PHE A 179 16.45 37.73 14.50
CA PHE A 179 15.12 38.20 14.15
C PHE A 179 15.06 39.70 13.83
N GLU A 180 14.40 40.04 12.74
CA GLU A 180 14.24 41.46 12.42
C GLU A 180 13.56 42.16 13.60
N THR A 181 14.00 43.37 13.91
CA THR A 181 13.44 44.13 15.02
C THR A 181 12.04 44.61 14.74
N VAL A 182 11.37 45.11 15.78
CA VAL A 182 9.99 45.52 15.65
C VAL A 182 9.60 46.96 15.89
N PRO A 183 8.91 47.58 14.92
CA PRO A 183 8.47 48.95 15.08
C PRO A 183 7.78 48.98 16.41
N VAL A 184 7.97 50.06 17.15
CA VAL A 184 7.40 50.19 18.48
C VAL A 184 5.87 50.11 18.49
N TRP A 185 5.26 50.69 17.47
CA TRP A 185 3.82 50.69 17.38
C TRP A 185 3.23 49.32 17.06
N ARG A 186 4.10 48.33 16.88
CA ARG A 186 3.70 46.96 16.56
C ARG A 186 4.18 46.00 17.63
N ARG A 187 4.64 46.49 18.76
CA ARG A 187 5.15 45.56 19.75
C ARG A 187 4.07 45.00 20.67
N GLN A 188 3.80 43.71 20.51
CA GLN A 188 2.76 43.04 21.30
C GLN A 188 3.33 42.53 22.61
N PRO A 189 2.49 42.29 23.61
CA PRO A 189 2.97 41.79 24.90
C PRO A 189 3.64 40.45 24.72
N VAL A 190 4.70 40.21 25.49
CA VAL A 190 5.42 38.94 25.38
C VAL A 190 4.58 37.86 26.04
N ARG A 191 4.60 36.68 25.45
CA ARG A 191 3.87 35.54 25.98
C ARG A 191 4.94 34.56 26.45
N VAL A 192 5.04 34.42 27.75
CA VAL A 192 6.06 33.59 28.35
C VAL A 192 5.63 32.30 29.01
N LEU A 193 6.45 31.28 28.82
CA LEU A 193 6.23 29.97 29.42
C LEU A 193 7.52 29.67 30.16
N SER A 194 7.47 29.56 31.48
CA SER A 194 8.70 29.26 32.20
C SER A 194 8.59 27.92 32.93
N LEU A 195 9.49 27.00 32.61
CA LEU A 195 9.47 25.68 33.22
C LEU A 195 10.43 25.57 34.40
N PHE A 196 9.98 24.87 35.44
CA PHE A 196 10.78 24.60 36.63
C PHE A 196 10.91 25.81 37.54
N GLU A 197 11.46 26.91 37.02
CA GLU A 197 11.60 28.11 37.84
C GLU A 197 10.64 29.18 37.34
N ASP A 198 10.50 30.25 38.11
CA ASP A 198 9.58 31.30 37.70
C ASP A 198 10.29 32.63 37.54
N ILE A 199 10.03 33.32 36.44
CA ILE A 199 10.67 34.61 36.21
C ILE A 199 9.66 35.73 35.97
N LYS A 200 8.48 35.64 36.58
CA LYS A 200 7.50 36.70 36.38
C LYS A 200 8.01 37.98 37.00
N LYS A 201 8.60 37.86 38.18
CA LYS A 201 9.16 39.01 38.87
C LYS A 201 10.15 39.74 37.97
N GLU A 202 11.17 39.02 37.51
CA GLU A 202 12.21 39.57 36.65
C GLU A 202 11.68 40.27 35.41
N LEU A 203 10.77 39.60 34.71
CA LEU A 203 10.19 40.18 33.50
C LEU A 203 9.26 41.31 33.87
N THR A 204 8.64 41.19 35.04
CA THR A 204 7.74 42.23 35.51
C THR A 204 8.60 43.43 35.80
N SER A 205 9.80 43.13 36.32
CA SER A 205 10.78 44.15 36.69
C SER A 205 11.41 44.86 35.48
N LEU A 206 11.42 44.22 34.33
CA LEU A 206 12.00 44.89 33.16
C LEU A 206 10.94 45.55 32.29
N GLY A 207 9.68 45.43 32.73
CA GLY A 207 8.58 46.03 31.99
C GLY A 207 8.06 45.21 30.82
N PHE A 208 8.12 43.89 30.97
CA PHE A 208 7.66 42.97 29.93
C PHE A 208 6.27 42.42 30.24
N LEU A 209 5.99 42.26 31.53
CA LEU A 209 4.72 41.73 31.99
C LEU A 209 3.96 42.82 32.73
N GLU A 210 2.91 43.36 32.11
CA GLU A 210 2.13 44.42 32.75
C GLU A 210 1.39 43.94 33.98
N SER A 211 1.82 44.44 35.15
CA SER A 211 1.23 44.07 36.43
C SER A 211 -0.28 44.30 36.44
N GLY A 212 -0.90 44.03 37.58
CA GLY A 212 -2.34 44.21 37.68
C GLY A 212 -3.06 43.23 36.78
N SER A 213 -3.24 43.59 35.52
CA SER A 213 -3.91 42.72 34.56
C SER A 213 -3.40 41.30 34.76
N ASP A 214 -4.34 40.37 34.93
CA ASP A 214 -3.97 38.98 35.16
C ASP A 214 -4.22 38.02 34.00
N PRO A 215 -4.28 38.52 32.74
CA PRO A 215 -4.51 37.53 31.68
C PRO A 215 -3.33 36.56 31.74
N GLY A 216 -2.40 36.87 32.65
CA GLY A 216 -1.23 36.05 32.85
C GLY A 216 -0.52 35.68 31.56
N GLN A 217 0.15 36.65 30.96
CA GLN A 217 0.86 36.37 29.72
C GLN A 217 2.00 35.41 29.99
N LEU A 218 2.13 35.01 31.25
CA LEU A 218 3.16 34.05 31.62
C LEU A 218 2.54 32.86 32.35
N LYS A 219 2.98 31.67 31.96
CA LYS A 219 2.51 30.44 32.58
C LYS A 219 3.70 29.72 33.17
N HIS A 220 3.56 29.29 34.41
CA HIS A 220 4.64 28.57 35.07
C HIS A 220 4.15 27.14 35.17
N VAL A 221 5.07 26.20 35.15
CA VAL A 221 4.74 24.78 35.24
C VAL A 221 5.92 24.12 35.91
N VAL A 222 5.68 23.48 37.05
CA VAL A 222 6.80 22.85 37.74
C VAL A 222 7.00 21.44 37.22
N ASP A 223 6.00 20.58 37.41
CA ASP A 223 6.12 19.20 36.93
C ASP A 223 5.52 19.07 35.55
N VAL A 224 6.36 18.65 34.60
CA VAL A 224 5.94 18.51 33.22
C VAL A 224 6.12 17.06 32.78
N THR A 225 6.40 16.21 33.75
CA THR A 225 6.65 14.80 33.48
C THR A 225 5.59 14.15 32.60
N ASP A 226 4.32 14.54 32.78
CA ASP A 226 3.23 13.99 31.97
C ASP A 226 2.66 14.98 30.98
N THR A 227 3.32 16.12 30.80
CA THR A 227 2.84 17.14 29.86
C THR A 227 2.96 16.67 28.43
N VAL A 228 2.07 17.15 27.58
CA VAL A 228 2.09 16.77 26.17
C VAL A 228 1.92 17.91 25.17
N ARG A 229 2.55 17.74 24.01
CA ARG A 229 2.47 18.76 22.99
C ARG A 229 1.11 19.44 22.98
N LYS A 230 0.03 18.67 22.96
CA LYS A 230 -1.28 19.29 22.91
C LYS A 230 -1.55 20.25 24.07
N ASP A 231 -0.89 20.02 25.21
CA ASP A 231 -1.08 20.89 26.35
C ASP A 231 -0.41 22.21 26.04
N VAL A 232 0.90 22.14 25.81
CA VAL A 232 1.70 23.31 25.48
C VAL A 232 0.99 24.07 24.36
N GLU A 233 0.63 23.37 23.28
CA GLU A 233 -0.07 24.02 22.19
C GLU A 233 -1.30 24.72 22.77
N GLU A 234 -2.04 23.97 23.57
CA GLU A 234 -3.26 24.49 24.16
C GLU A 234 -2.99 25.70 25.01
N TRP A 235 -1.96 25.62 25.86
CA TRP A 235 -1.59 26.70 26.75
C TRP A 235 -1.34 28.05 26.08
N GLY A 236 -2.05 28.33 24.98
CA GLY A 236 -1.86 29.57 24.26
C GLY A 236 -0.49 29.51 23.65
N PRO A 237 -0.22 30.24 22.56
CA PRO A 237 1.10 30.23 21.91
C PRO A 237 2.14 31.09 22.66
N PHE A 238 3.41 30.74 22.49
CA PHE A 238 4.48 31.42 23.20
C PHE A 238 5.51 32.14 22.37
N ASP A 239 6.09 33.18 22.97
CA ASP A 239 7.12 33.97 22.30
C ASP A 239 8.45 33.71 22.98
N LEU A 240 8.41 33.45 24.28
CA LEU A 240 9.60 33.20 25.06
C LEU A 240 9.49 31.98 25.98
N VAL A 241 10.36 30.99 25.78
CA VAL A 241 10.34 29.82 26.65
C VAL A 241 11.58 29.87 27.53
N TYR A 242 11.37 29.94 28.84
CA TYR A 242 12.47 30.01 29.77
C TYR A 242 12.47 28.78 30.65
N GLY A 243 13.66 28.35 31.05
CA GLY A 243 13.75 27.19 31.91
C GLY A 243 15.09 27.16 32.62
N ALA A 244 15.13 26.53 33.78
CA ALA A 244 16.38 26.47 34.51
C ALA A 244 16.41 25.33 35.52
N THR A 245 17.62 24.85 35.80
CA THR A 245 17.81 23.77 36.75
C THR A 245 17.55 24.24 38.17
N PRO A 246 17.50 23.32 39.13
CA PRO A 246 17.26 23.72 40.51
C PRO A 246 18.50 24.47 41.01
N PRO A 247 18.33 25.32 42.03
CA PRO A 247 19.44 26.09 42.61
C PRO A 247 20.38 25.19 43.41
N LEU A 248 21.62 25.62 43.61
CA LEU A 248 22.56 24.82 44.37
C LEU A 248 21.98 24.53 45.76
N GLY A 249 21.62 23.27 45.99
CA GLY A 249 21.06 22.89 47.27
C GLY A 249 19.95 21.87 47.14
N HIS A 250 20.06 21.04 46.10
CA HIS A 250 19.08 19.98 45.81
C HIS A 250 17.73 20.23 46.46
N THR A 251 17.14 21.38 46.17
CA THR A 251 15.83 21.74 46.72
C THR A 251 14.81 20.69 46.31
N CYS A 252 15.16 19.92 45.28
CA CYS A 252 14.28 18.86 44.77
C CYS A 252 15.08 17.65 44.29
N ASP A 253 14.40 16.51 44.23
CA ASP A 253 15.01 15.27 43.79
C ASP A 253 14.67 14.99 42.32
N ARG A 254 15.71 14.81 41.51
CA ARG A 254 15.58 14.53 40.09
C ARG A 254 16.91 14.78 39.39
N PRO A 255 17.51 13.73 38.82
CA PRO A 255 18.79 13.83 38.12
C PRO A 255 18.79 15.00 37.12
N PRO A 256 19.40 16.13 37.51
CA PRO A 256 19.50 17.35 36.71
C PRO A 256 19.27 17.20 35.20
N SER A 257 20.03 16.31 34.57
CA SER A 257 19.91 16.05 33.14
C SER A 257 18.44 15.95 32.73
N TRP A 258 17.60 15.55 33.68
CA TRP A 258 16.18 15.44 33.45
C TRP A 258 15.74 16.82 32.94
N TYR A 259 15.77 17.79 33.85
CA TYR A 259 15.39 19.16 33.55
C TYR A 259 15.81 19.63 32.16
N LEU A 260 17.07 19.45 31.82
CA LEU A 260 17.55 19.84 30.49
C LEU A 260 16.67 19.13 29.45
N PHE A 261 16.72 17.80 29.48
CA PHE A 261 15.94 16.97 28.56
C PHE A 261 14.47 17.38 28.49
N GLN A 262 13.83 17.55 29.64
CA GLN A 262 12.44 17.96 29.64
C GLN A 262 12.36 19.31 28.94
N PHE A 263 13.08 20.31 29.46
CA PHE A 263 13.09 21.63 28.86
C PHE A 263 13.24 21.50 27.35
N HIS A 264 14.21 20.70 26.94
CA HIS A 264 14.43 20.51 25.53
C HIS A 264 13.16 20.06 24.85
N ARG A 265 12.59 18.98 25.39
CA ARG A 265 11.38 18.36 24.87
C ARG A 265 10.19 19.29 24.72
N LEU A 266 9.70 19.82 25.84
CA LEU A 266 8.58 20.74 25.85
C LEU A 266 8.79 21.96 24.97
N LEU A 267 10.05 22.33 24.76
CA LEU A 267 10.34 23.47 23.93
C LEU A 267 9.81 23.25 22.52
N GLN A 268 10.27 22.17 21.91
CA GLN A 268 9.85 21.85 20.54
C GLN A 268 8.35 21.96 20.38
N TYR A 269 7.62 21.69 21.46
CA TYR A 269 6.16 21.75 21.46
C TYR A 269 5.71 23.20 21.26
N ALA A 270 6.31 24.11 22.03
CA ALA A 270 5.96 25.54 21.97
C ALA A 270 6.39 26.33 20.73
N ARG A 271 7.24 25.76 19.88
CA ARG A 271 7.68 26.47 18.69
C ARG A 271 6.51 26.76 17.75
N PRO A 272 6.59 27.87 17.02
CA PRO A 272 5.58 28.31 16.05
C PRO A 272 5.42 27.29 14.94
N LYS A 273 4.26 27.28 14.30
CA LYS A 273 3.98 26.33 13.22
C LYS A 273 4.89 26.61 12.04
N PRO A 274 5.81 25.68 11.72
CA PRO A 274 6.74 25.83 10.59
C PRO A 274 6.21 26.73 9.51
N GLY A 275 7.00 27.72 9.12
CA GLY A 275 6.53 28.66 8.12
C GLY A 275 5.76 29.75 8.85
N SER A 276 6.47 30.44 9.73
CA SER A 276 5.91 31.53 10.53
C SER A 276 7.05 32.48 10.86
N PRO A 277 6.85 33.77 10.57
CA PRO A 277 7.87 34.79 10.83
C PRO A 277 8.14 34.93 12.32
N GLY A 278 7.35 35.79 12.95
CA GLY A 278 7.43 36.06 14.37
C GLY A 278 8.56 35.51 15.20
N PRO A 279 9.28 36.38 15.92
CA PRO A 279 10.40 35.99 16.75
C PRO A 279 10.02 35.00 17.86
N PHE A 280 10.87 34.00 18.07
CA PHE A 280 10.66 32.99 19.11
C PHE A 280 12.00 32.84 19.85
N PHE A 281 12.02 33.16 21.13
CA PHE A 281 13.25 33.06 21.90
C PHE A 281 13.11 32.05 23.02
N TRP A 282 14.25 31.46 23.37
CA TRP A 282 14.30 30.51 24.45
C TRP A 282 15.60 30.67 25.21
N MET A 283 15.65 30.09 26.40
CA MET A 283 16.86 30.19 27.20
C MET A 283 16.77 29.27 28.39
N PHE A 284 17.75 28.38 28.49
CA PHE A 284 17.82 27.45 29.59
C PHE A 284 19.01 27.92 30.39
N VAL A 285 18.90 27.85 31.71
CA VAL A 285 19.95 28.30 32.61
C VAL A 285 20.27 27.26 33.66
N ASP A 286 21.56 27.14 33.97
CA ASP A 286 22.01 26.19 34.99
C ASP A 286 22.83 26.94 36.03
N ASN A 287 22.47 26.77 37.30
CA ASN A 287 23.15 27.42 38.41
C ASN A 287 24.34 26.63 38.92
N LEU A 288 25.22 26.21 38.01
CA LEU A 288 26.39 25.44 38.42
C LEU A 288 25.92 24.20 39.14
N VAL A 289 25.27 23.30 38.42
CA VAL A 289 24.79 22.09 39.05
C VAL A 289 24.85 20.94 38.07
N LEU A 290 25.35 21.22 36.88
CA LEU A 290 25.50 20.21 35.85
C LEU A 290 26.98 19.87 35.71
N ASN A 291 27.37 18.64 36.05
CA ASN A 291 28.77 18.25 35.92
C ASN A 291 29.19 18.36 34.45
N LYS A 292 30.47 18.15 34.16
CA LYS A 292 30.93 18.30 32.79
C LYS A 292 30.36 17.35 31.75
N GLU A 293 29.88 16.17 32.16
CA GLU A 293 29.35 15.27 31.14
C GLU A 293 27.97 15.70 30.68
N ASP A 294 27.11 16.04 31.63
CA ASP A 294 25.74 16.48 31.32
C ASP A 294 25.79 17.86 30.69
N LEU A 295 26.79 18.62 31.11
CA LEU A 295 27.00 19.97 30.61
C LEU A 295 27.29 19.88 29.12
N ASP A 296 28.18 18.98 28.75
CA ASP A 296 28.52 18.81 27.35
C ASP A 296 27.32 18.24 26.59
N VAL A 297 26.42 17.58 27.32
CA VAL A 297 25.23 17.00 26.69
C VAL A 297 24.28 18.14 26.36
N ALA A 298 23.89 18.86 27.41
CA ALA A 298 23.01 20.00 27.27
C ALA A 298 23.43 20.80 26.04
N SER A 299 24.74 20.93 25.86
CA SER A 299 25.27 21.69 24.74
C SER A 299 25.05 21.07 23.38
N ARG A 300 25.02 19.75 23.31
CA ARG A 300 24.80 19.13 22.01
C ARG A 300 23.32 19.19 21.72
N PHE A 301 22.53 19.10 22.79
CA PHE A 301 21.09 19.14 22.66
C PHE A 301 20.55 20.51 22.36
N LEU A 302 21.14 21.52 23.00
CA LEU A 302 20.73 22.90 22.78
C LEU A 302 21.44 23.52 21.57
N GLU A 303 22.38 22.77 21.01
CA GLU A 303 23.12 23.17 19.82
C GLU A 303 23.95 24.46 19.95
N MET A 304 24.63 24.61 21.07
CA MET A 304 25.47 25.78 21.29
C MET A 304 26.19 25.61 22.63
N GLU A 305 27.46 26.05 22.68
CA GLU A 305 28.22 25.96 23.91
C GLU A 305 27.69 27.06 24.80
N PRO A 306 27.81 26.91 26.12
CA PRO A 306 27.34 27.88 27.09
C PRO A 306 28.01 29.24 27.14
N VAL A 307 27.55 30.02 28.10
CA VAL A 307 28.04 31.36 28.35
C VAL A 307 27.98 31.51 29.87
N THR A 308 29.15 31.42 30.50
CA THR A 308 29.24 31.52 31.95
C THR A 308 29.20 32.97 32.38
N ILE A 309 28.27 33.32 33.25
CA ILE A 309 28.21 34.70 33.72
C ILE A 309 28.49 34.66 35.22
N PRO A 310 29.63 35.25 35.62
CA PRO A 310 30.12 35.35 37.00
C PRO A 310 29.46 36.45 37.80
N ASP A 311 29.52 36.32 39.13
CA ASP A 311 28.95 37.33 40.00
C ASP A 311 30.05 38.31 40.41
N VAL A 312 29.71 39.60 40.47
CA VAL A 312 30.68 40.64 40.84
C VAL A 312 31.38 40.27 42.15
N HIS A 313 32.53 40.90 42.41
CA HIS A 313 33.29 40.60 43.62
C HIS A 313 32.68 41.12 44.92
N GLY A 314 32.24 40.19 45.77
CA GLY A 314 31.69 40.57 47.05
C GLY A 314 32.86 40.57 48.01
N GLY A 315 34.06 40.55 47.41
CA GLY A 315 35.29 40.51 48.17
C GLY A 315 36.31 39.71 47.38
N SER A 316 35.86 39.16 46.26
CA SER A 316 36.68 38.34 45.36
C SER A 316 35.79 37.68 44.29
N LEU A 317 34.65 37.14 44.73
CA LEU A 317 33.68 36.47 43.85
C LEU A 317 32.58 35.83 44.69
N GLN A 318 31.42 35.57 44.08
CA GLN A 318 30.30 34.96 44.79
C GLN A 318 29.92 33.61 44.16
N ASN A 319 29.05 33.65 43.16
CA ASN A 319 28.64 32.44 42.45
C ASN A 319 28.50 32.74 40.95
N ALA A 320 28.21 31.72 40.15
CA ALA A 320 28.08 31.91 38.72
C ALA A 320 26.84 31.26 38.12
N VAL A 321 26.72 31.40 36.80
CA VAL A 321 25.58 30.87 36.07
C VAL A 321 25.96 30.51 34.63
N ARG A 322 25.53 29.33 34.19
CA ARG A 322 25.79 28.89 32.83
C ARG A 322 24.52 29.17 32.04
N VAL A 323 24.67 29.66 30.80
CA VAL A 323 23.52 30.02 30.00
C VAL A 323 23.51 29.70 28.51
N TRP A 324 22.42 29.08 28.07
CA TRP A 324 22.21 28.74 26.65
C TRP A 324 21.02 29.59 26.19
N SER A 325 21.08 30.10 24.96
CA SER A 325 19.97 30.92 24.45
C SER A 325 20.16 31.39 23.02
N ASN A 326 19.13 32.03 22.49
CA ASN A 326 19.20 32.55 21.13
C ASN A 326 18.92 34.04 21.13
N ILE A 327 18.73 34.61 22.32
CA ILE A 327 18.45 36.04 22.46
C ILE A 327 19.69 36.80 22.04
N PRO A 328 19.57 37.76 21.12
CA PRO A 328 20.73 38.53 20.64
C PRO A 328 21.75 38.94 21.70
N ALA A 329 23.02 38.87 21.28
CA ALA A 329 24.17 39.18 22.11
C ALA A 329 24.10 38.59 23.51
N ILE A 330 24.17 37.27 23.59
CA ILE A 330 24.13 36.61 24.86
C ILE A 330 25.51 35.99 25.00
N ARG A 331 26.20 35.94 23.88
CA ARG A 331 27.54 35.39 23.85
C ARG A 331 28.56 36.52 24.06
N SER A 332 28.05 37.76 24.07
CA SER A 332 28.86 38.95 24.28
C SER A 332 28.97 39.30 25.75
N ARG A 333 28.10 38.70 26.57
CA ARG A 333 28.10 38.93 28.01
C ARG A 333 28.83 37.76 28.66
N HIS A 334 29.75 37.18 27.90
CA HIS A 334 30.55 36.03 28.32
C HIS A 334 31.97 36.47 28.77
N TRP A 335 32.31 36.11 30.00
CA TRP A 335 33.61 36.44 30.59
C TRP A 335 34.46 35.19 30.78
N ALA A 336 35.28 34.88 29.77
CA ALA A 336 36.16 33.71 29.84
C ALA A 336 36.96 33.87 31.12
N LEU A 337 36.96 35.09 31.63
CA LEU A 337 37.63 35.48 32.85
C LEU A 337 37.65 34.36 33.88
N VAL A 338 36.54 33.63 33.98
CA VAL A 338 36.43 32.52 34.93
C VAL A 338 36.92 31.21 34.36
N SER A 339 37.54 30.40 35.21
CA SER A 339 38.08 29.10 34.81
C SER A 339 37.31 27.95 35.44
N GLU A 340 37.09 26.89 34.66
CA GLU A 340 36.35 25.72 35.10
C GLU A 340 36.70 25.29 36.52
N GLU A 341 37.98 25.18 36.81
CA GLU A 341 38.43 24.78 38.14
C GLU A 341 37.97 25.78 39.19
N GLU A 342 38.03 27.06 38.84
CA GLU A 342 37.63 28.13 39.74
C GLU A 342 36.21 27.91 40.24
N LEU A 343 35.32 27.52 39.31
CA LEU A 343 33.92 27.27 39.61
C LEU A 343 33.73 26.05 40.50
N SER A 344 34.32 24.94 40.10
CA SER A 344 34.23 23.67 40.82
C SER A 344 34.42 23.88 42.32
N LEU A 345 35.02 25.01 42.68
CA LEU A 345 35.28 25.35 44.07
C LEU A 345 33.99 25.81 44.73
N LEU A 346 33.28 26.74 44.09
CA LEU A 346 32.04 27.27 44.62
C LEU A 346 31.02 26.17 44.85
N ALA A 347 31.28 24.99 44.28
CA ALA A 347 30.38 23.85 44.43
C ALA A 347 30.28 23.41 45.89
N GLN A 348 31.40 22.93 46.44
CA GLN A 348 31.42 22.47 47.83
C GLN A 348 31.37 23.65 48.81
N ASN A 349 30.54 24.64 48.49
CA ASN A 349 30.41 25.82 49.35
C ASN A 349 28.96 26.28 49.46
N LYS A 350 28.44 26.91 48.40
CA LYS A 350 27.05 27.38 48.40
C LYS A 350 26.16 26.20 48.77
N GLN A 351 26.65 25.00 48.47
CA GLN A 351 25.97 23.76 48.76
C GLN A 351 26.25 23.36 50.20
N SER A 352 27.54 23.36 50.55
CA SER A 352 27.99 23.00 51.88
C SER A 352 27.94 24.19 52.86
N SER A 353 26.72 24.56 53.23
CA SER A 353 26.48 25.67 54.15
C SER A 353 24.97 25.83 54.36
N LYS A 354 24.59 26.65 55.33
CA LYS A 354 23.18 26.90 55.61
C LYS A 354 22.63 27.92 54.61
N LEU A 355 22.86 27.65 53.33
CA LEU A 355 22.40 28.55 52.26
C LEU A 355 20.92 28.39 51.94
N ALA A 356 20.41 29.28 51.11
CA ALA A 356 19.00 29.26 50.72
C ALA A 356 18.85 28.97 49.22
N ALA A 357 17.74 28.36 48.86
CA ALA A 357 17.44 28.01 47.46
C ALA A 357 17.14 29.28 46.65
N LYS A 358 17.81 30.37 47.02
CA LYS A 358 17.62 31.64 46.33
C LYS A 358 18.19 31.58 44.92
N TRP A 359 17.32 31.50 43.92
CA TRP A 359 17.77 31.45 42.54
C TRP A 359 18.33 32.84 42.14
N PRO A 360 19.62 32.88 41.76
CA PRO A 360 20.41 34.06 41.34
C PRO A 360 19.89 34.87 40.14
N THR A 361 18.57 35.03 40.04
CA THR A 361 17.96 35.77 38.95
C THR A 361 18.67 37.08 38.60
N LYS A 362 19.26 37.74 39.59
CA LYS A 362 19.95 38.99 39.35
C LYS A 362 20.98 38.80 38.26
N LEU A 363 21.50 37.59 38.16
CA LEU A 363 22.51 37.23 37.16
C LEU A 363 22.09 37.40 35.71
N VAL A 364 21.00 36.75 35.35
CA VAL A 364 20.46 36.76 33.99
C VAL A 364 19.51 37.91 33.66
N LYS A 365 18.90 38.50 34.69
CA LYS A 365 17.95 39.59 34.48
C LYS A 365 18.25 40.38 33.23
N ASN A 366 19.43 41.00 33.19
CA ASN A 366 19.78 41.84 32.06
C ASN A 366 19.94 41.16 30.71
N CYS A 367 20.00 39.84 30.67
CA CYS A 367 20.14 39.13 29.39
C CYS A 367 18.92 39.39 28.50
N PHE A 368 17.79 39.65 29.16
CA PHE A 368 16.54 39.90 28.48
C PHE A 368 16.42 41.30 27.86
N LEU A 369 17.43 42.13 28.02
CA LEU A 369 17.32 43.47 27.49
C LEU A 369 17.13 43.62 25.99
N PRO A 370 17.70 42.71 25.19
CA PRO A 370 17.51 42.90 23.75
C PRO A 370 16.06 42.63 23.37
N LEU A 371 15.37 41.87 24.21
CA LEU A 371 13.98 41.55 23.92
C LEU A 371 13.15 42.81 23.86
N ARG A 372 13.57 43.85 24.55
CA ARG A 372 12.79 45.07 24.55
C ARG A 372 12.70 45.67 23.14
N GLU A 373 13.47 45.14 22.22
CA GLU A 373 13.43 45.66 20.87
C GLU A 373 12.40 44.91 20.07
N TYR A 374 11.88 43.84 20.68
CA TYR A 374 10.89 42.98 20.02
C TYR A 374 9.47 42.99 20.59
N PHE A 375 9.34 43.11 21.90
CA PHE A 375 8.01 43.12 22.51
C PHE A 375 7.61 44.45 23.15
N LYS A 376 6.42 44.46 23.74
CA LYS A 376 5.84 45.63 24.37
C LYS A 376 6.50 45.96 25.71
N TYR A 377 6.74 47.26 25.94
CA TYR A 377 7.35 47.73 27.18
C TYR A 377 6.31 48.44 28.04
N PHE A 378 6.34 48.17 29.34
CA PHE A 378 5.38 48.77 30.25
C PHE A 378 6.02 49.72 31.26
N SER A 379 5.99 51.00 30.91
CA SER A 379 6.56 52.07 31.71
C SER A 379 6.03 52.26 33.12
N THR A 380 6.96 52.49 34.06
CA THR A 380 6.66 52.70 35.48
C THR A 380 5.68 51.67 36.06
N GLY B 34 -27.29 -9.31 0.22
CA GLY B 34 -26.87 -10.22 -0.90
C GLY B 34 -26.07 -9.49 -1.97
N ARG B 35 -25.10 -10.19 -2.55
CA ARG B 35 -24.25 -9.60 -3.58
C ARG B 35 -24.88 -9.70 -4.97
N ASP B 36 -25.07 -10.94 -5.41
CA ASP B 36 -25.67 -11.26 -6.69
C ASP B 36 -26.93 -10.47 -7.01
N LEU B 37 -27.43 -9.73 -6.03
CA LEU B 37 -28.65 -8.93 -6.20
C LEU B 37 -28.34 -7.54 -6.69
N ILE B 38 -27.06 -7.25 -6.91
CA ILE B 38 -26.63 -5.94 -7.37
C ILE B 38 -26.84 -5.78 -8.87
N ALA B 39 -26.60 -6.85 -9.62
CA ALA B 39 -26.76 -6.83 -11.06
C ALA B 39 -28.14 -6.28 -11.41
N TYR B 40 -29.18 -6.94 -10.92
CA TYR B 40 -30.54 -6.51 -11.18
C TYR B 40 -30.77 -5.11 -10.63
N GLU B 41 -30.24 -4.87 -9.43
CA GLU B 41 -30.38 -3.58 -8.78
C GLU B 41 -29.86 -2.41 -9.61
N VAL B 42 -29.15 -2.71 -10.69
CA VAL B 42 -28.61 -1.66 -11.54
C VAL B 42 -29.06 -1.80 -12.99
N LYS B 43 -28.99 -3.01 -13.53
CA LYS B 43 -29.39 -3.27 -14.92
C LYS B 43 -30.92 -3.16 -15.06
N ALA B 44 -31.63 -3.59 -14.01
CA ALA B 44 -33.09 -3.57 -14.02
C ALA B 44 -33.67 -2.32 -13.38
N ASN B 45 -33.70 -2.29 -12.05
CA ASN B 45 -34.24 -1.14 -11.30
C ASN B 45 -33.58 0.17 -11.68
N GLN B 46 -32.50 0.08 -12.47
CA GLN B 46 -31.77 1.27 -12.89
C GLN B 46 -31.54 2.11 -11.65
N ARG B 47 -30.70 1.58 -10.76
CA ARG B 47 -30.38 2.23 -9.49
C ARG B 47 -28.92 2.63 -9.48
N ASN B 48 -28.65 3.86 -9.05
CA ASN B 48 -27.29 4.40 -8.97
C ASN B 48 -26.40 3.58 -8.03
N ILE B 49 -25.31 3.06 -8.57
CA ILE B 49 -24.37 2.23 -7.81
C ILE B 49 -24.06 2.86 -6.45
N GLU B 50 -23.78 4.15 -6.47
CA GLU B 50 -23.44 4.91 -5.28
C GLU B 50 -24.42 4.70 -4.13
N ASP B 51 -25.60 4.18 -4.43
CA ASP B 51 -26.59 3.96 -3.39
C ASP B 51 -26.63 2.54 -2.84
N ILE B 52 -25.64 1.73 -3.21
CA ILE B 52 -25.55 0.37 -2.70
C ILE B 52 -24.11 -0.01 -2.39
N CYS B 53 -23.91 -0.58 -1.21
CA CYS B 53 -22.59 -1.01 -0.79
C CYS B 53 -22.01 -2.04 -1.74
N ILE B 54 -21.25 -1.61 -2.74
CA ILE B 54 -20.67 -2.55 -3.70
C ILE B 54 -19.83 -3.64 -3.05
N CYS B 55 -19.60 -3.52 -1.75
CA CYS B 55 -18.81 -4.50 -1.00
C CYS B 55 -19.62 -5.74 -0.69
N CYS B 56 -20.63 -5.58 0.16
CA CYS B 56 -21.47 -6.71 0.54
C CYS B 56 -22.78 -6.77 -0.26
N GLY B 57 -23.31 -5.62 -0.65
CA GLY B 57 -24.55 -5.59 -1.40
C GLY B 57 -25.63 -4.75 -0.73
N SER B 58 -25.56 -4.63 0.60
CA SER B 58 -26.54 -3.86 1.35
C SER B 58 -26.92 -2.55 0.66
N LEU B 59 -28.02 -1.96 1.09
CA LEU B 59 -28.48 -0.73 0.48
C LEU B 59 -28.35 0.44 1.43
N GLN B 60 -27.82 0.17 2.61
CA GLN B 60 -27.61 1.20 3.62
C GLN B 60 -26.15 1.69 3.57
N VAL B 61 -25.82 2.39 2.49
CA VAL B 61 -24.48 2.93 2.29
C VAL B 61 -24.12 4.02 3.29
N HIS B 62 -22.96 3.88 3.92
CA HIS B 62 -22.50 4.86 4.90
C HIS B 62 -21.81 6.03 4.21
N THR B 63 -21.07 5.71 3.16
CA THR B 63 -20.35 6.70 2.36
C THR B 63 -19.91 6.00 1.07
N GLN B 64 -19.18 6.69 0.20
CA GLN B 64 -18.76 6.08 -1.05
C GLN B 64 -17.41 5.37 -0.98
N HIS B 65 -17.28 4.29 -1.74
CA HIS B 65 -16.08 3.48 -1.78
C HIS B 65 -14.96 4.38 -2.27
N PRO B 66 -13.75 4.22 -1.72
CA PRO B 66 -12.62 5.04 -2.16
C PRO B 66 -12.10 4.63 -3.53
N LEU B 67 -11.68 3.39 -3.67
CA LEU B 67 -11.10 2.94 -4.94
C LEU B 67 -12.01 2.78 -6.17
N PHE B 68 -13.22 2.30 -5.99
CA PHE B 68 -14.10 2.13 -7.14
C PHE B 68 -15.41 2.87 -6.96
N GLU B 69 -16.05 3.19 -8.08
CA GLU B 69 -17.32 3.90 -8.08
C GLU B 69 -18.38 3.02 -7.46
N GLY B 70 -19.02 3.52 -6.43
CA GLY B 70 -20.04 2.77 -5.73
C GLY B 70 -20.08 3.26 -4.29
N GLY B 71 -20.96 2.70 -3.48
CA GLY B 71 -21.06 3.12 -2.09
C GLY B 71 -20.62 2.01 -1.17
N ILE B 72 -20.56 2.28 0.13
CA ILE B 72 -20.14 1.26 1.09
C ILE B 72 -20.91 1.41 2.41
N CYS B 73 -21.54 0.32 2.83
CA CYS B 73 -22.30 0.33 4.07
C CYS B 73 -21.37 0.55 5.25
N ALA B 74 -21.90 1.11 6.34
CA ALA B 74 -21.10 1.39 7.53
C ALA B 74 -20.22 0.22 7.95
N PRO B 75 -20.81 -0.95 8.20
CA PRO B 75 -20.06 -2.13 8.62
C PRO B 75 -18.88 -2.52 7.72
N CYS B 76 -19.08 -2.45 6.41
CA CYS B 76 -18.00 -2.79 5.48
C CYS B 76 -16.90 -1.72 5.56
N LYS B 77 -17.30 -0.48 5.77
CA LYS B 77 -16.35 0.62 5.89
C LYS B 77 -15.39 0.36 7.05
N ASP B 78 -15.95 0.06 8.22
CA ASP B 78 -15.14 -0.24 9.39
C ASP B 78 -14.20 -1.40 9.17
N LYS B 79 -14.51 -2.26 8.20
CA LYS B 79 -13.66 -3.41 7.93
C LYS B 79 -12.52 -2.93 7.05
N PHE B 80 -12.87 -1.99 6.16
CA PHE B 80 -11.91 -1.40 5.23
C PHE B 80 -10.83 -0.67 6.03
N LEU B 81 -11.24 0.29 6.86
CA LEU B 81 -10.28 0.99 7.68
C LEU B 81 -9.36 -0.02 8.36
N ASP B 82 -9.97 -1.01 9.01
CA ASP B 82 -9.24 -2.02 9.73
C ASP B 82 -8.20 -2.81 8.96
N ALA B 83 -8.23 -2.74 7.64
CA ALA B 83 -7.26 -3.47 6.83
C ALA B 83 -6.60 -2.57 5.80
N LEU B 84 -6.27 -1.35 6.20
CA LEU B 84 -5.72 -0.39 5.26
C LEU B 84 -4.28 -0.52 4.78
N PHE B 85 -3.36 -0.97 5.62
CA PHE B 85 -2.01 -1.13 5.11
C PHE B 85 -1.46 -2.44 5.57
N LEU B 86 -2.37 -3.35 5.92
CA LEU B 86 -1.97 -4.67 6.37
C LEU B 86 -1.44 -5.45 5.18
N TYR B 87 -0.23 -6.00 5.32
CA TYR B 87 0.43 -6.75 4.24
C TYR B 87 0.79 -8.18 4.65
N ASP B 88 0.95 -9.04 3.63
CA ASP B 88 1.32 -10.43 3.85
C ASP B 88 2.81 -10.61 3.63
N ASP B 89 3.43 -11.45 4.47
CA ASP B 89 4.86 -11.73 4.38
C ASP B 89 5.39 -11.79 2.95
N ASP B 90 4.77 -12.60 2.11
CA ASP B 90 5.21 -12.75 0.72
C ASP B 90 5.37 -11.38 0.06
N GLY B 91 4.68 -10.38 0.60
CA GLY B 91 4.79 -9.04 0.07
C GLY B 91 3.52 -8.45 -0.52
N TYR B 92 2.45 -9.23 -0.61
CA TYR B 92 1.21 -8.72 -1.18
C TYR B 92 0.23 -8.17 -0.16
N GLN B 93 -0.73 -7.39 -0.66
CA GLN B 93 -1.74 -6.79 0.19
C GLN B 93 -2.56 -7.93 0.76
N SER B 94 -2.62 -8.00 2.09
CA SER B 94 -3.35 -9.03 2.82
C SER B 94 -4.82 -9.32 2.44
N TYR B 95 -5.66 -8.29 2.42
CA TYR B 95 -7.07 -8.51 2.09
C TYR B 95 -7.47 -8.02 0.69
N CYS B 96 -8.71 -8.30 0.29
CA CYS B 96 -9.23 -7.90 -1.02
C CYS B 96 -9.38 -6.38 -1.17
N SER B 97 -8.90 -5.85 -2.29
CA SER B 97 -8.95 -4.43 -2.57
C SER B 97 -10.34 -3.79 -2.64
N ILE B 98 -11.37 -4.58 -2.87
CA ILE B 98 -12.72 -4.03 -2.97
C ILE B 98 -13.59 -4.27 -1.75
N CYS B 99 -13.56 -5.48 -1.21
CA CYS B 99 -14.39 -5.81 -0.06
C CYS B 99 -13.62 -6.17 1.22
N CYS B 100 -12.41 -6.70 1.08
CA CYS B 100 -11.56 -7.10 2.20
C CYS B 100 -11.69 -8.56 2.62
N SER B 101 -12.02 -9.43 1.66
CA SER B 101 -12.15 -10.87 1.94
C SER B 101 -10.81 -11.57 1.93
N GLY B 102 -10.25 -11.80 3.12
CA GLY B 102 -8.96 -12.44 3.21
C GLY B 102 -8.72 -13.71 2.41
N GLU B 103 -9.74 -14.21 1.72
CA GLU B 103 -9.57 -15.44 0.95
C GLU B 103 -9.51 -15.30 -0.56
N THR B 104 -10.64 -15.37 -1.25
CA THR B 104 -10.65 -15.26 -2.71
C THR B 104 -9.66 -14.18 -3.18
N LEU B 105 -8.48 -14.60 -3.60
CA LEU B 105 -7.44 -13.67 -4.06
C LEU B 105 -7.01 -13.87 -5.51
N LEU B 106 -7.12 -12.78 -6.28
CA LEU B 106 -6.72 -12.72 -7.68
C LEU B 106 -5.60 -11.68 -7.75
N ILE B 107 -4.35 -12.16 -7.76
CA ILE B 107 -3.18 -11.30 -7.80
C ILE B 107 -2.98 -10.47 -9.07
N CYS B 108 -2.27 -9.34 -8.94
CA CYS B 108 -2.00 -8.47 -10.09
C CYS B 108 -0.66 -8.78 -10.73
N GLY B 109 -0.65 -8.88 -12.06
CA GLY B 109 0.55 -9.19 -12.81
C GLY B 109 1.67 -8.18 -12.69
N ASN B 110 1.31 -6.91 -12.74
CA ASN B 110 2.27 -5.82 -12.62
C ASN B 110 3.12 -6.08 -11.38
N PRO B 111 4.46 -5.98 -11.51
CA PRO B 111 5.36 -6.21 -10.38
C PRO B 111 5.30 -5.15 -9.29
N ASP B 112 4.96 -3.92 -9.67
CA ASP B 112 4.88 -2.82 -8.72
C ASP B 112 3.53 -2.77 -8.01
N CYS B 113 2.67 -3.74 -8.31
CA CYS B 113 1.35 -3.81 -7.69
C CYS B 113 1.32 -4.92 -6.64
N THR B 114 0.70 -4.62 -5.50
CA THR B 114 0.61 -5.59 -4.42
C THR B 114 -0.85 -5.93 -4.19
N ARG B 115 -1.73 -5.28 -4.94
CA ARG B 115 -3.17 -5.48 -4.81
C ARG B 115 -3.65 -6.84 -5.29
N CYS B 116 -4.69 -7.33 -4.62
CA CYS B 116 -5.31 -8.62 -4.91
C CYS B 116 -6.82 -8.43 -4.91
N TYR B 117 -7.53 -9.34 -5.57
CA TYR B 117 -8.98 -9.23 -5.61
C TYR B 117 -9.74 -10.52 -5.33
N CYS B 118 -11.04 -10.35 -5.12
CA CYS B 118 -11.96 -11.45 -4.83
C CYS B 118 -12.36 -12.20 -6.06
N PHE B 119 -12.87 -13.40 -5.84
CA PHE B 119 -13.38 -14.21 -6.93
C PHE B 119 -14.80 -13.68 -7.02
N GLU B 120 -15.48 -13.67 -5.87
CA GLU B 120 -16.85 -13.20 -5.84
C GLU B 120 -16.94 -11.72 -6.22
N CYS B 121 -15.98 -10.92 -5.75
CA CYS B 121 -15.99 -9.49 -6.06
C CYS B 121 -16.02 -9.25 -7.57
N VAL B 122 -15.12 -9.93 -8.27
CA VAL B 122 -15.03 -9.78 -9.72
C VAL B 122 -16.37 -10.10 -10.36
N ASP B 123 -16.81 -11.34 -10.17
CA ASP B 123 -18.07 -11.83 -10.73
C ASP B 123 -19.27 -11.01 -10.29
N SER B 124 -19.32 -10.66 -9.03
CA SER B 124 -20.42 -9.87 -8.51
C SER B 124 -20.55 -8.53 -9.26
N LEU B 125 -19.47 -7.75 -9.29
CA LEU B 125 -19.49 -6.44 -9.93
C LEU B 125 -19.12 -6.38 -11.40
N VAL B 126 -18.20 -7.21 -11.85
CA VAL B 126 -17.83 -7.20 -13.27
C VAL B 126 -18.92 -7.88 -14.10
N GLY B 127 -18.80 -9.20 -14.22
CA GLY B 127 -19.75 -9.99 -14.97
C GLY B 127 -19.61 -11.44 -14.52
N PRO B 128 -20.69 -12.24 -14.54
CA PRO B 128 -20.58 -13.64 -14.11
C PRO B 128 -19.61 -14.41 -14.99
N GLY B 129 -18.81 -15.26 -14.37
CA GLY B 129 -17.85 -16.05 -15.14
C GLY B 129 -16.53 -15.36 -15.44
N THR B 130 -16.30 -14.20 -14.85
CA THR B 130 -15.05 -13.47 -15.09
C THR B 130 -13.92 -14.00 -14.23
N SER B 131 -14.17 -14.19 -12.94
CA SER B 131 -13.14 -14.68 -12.03
C SER B 131 -12.42 -15.90 -12.62
N GLY B 132 -13.17 -16.73 -13.33
CA GLY B 132 -12.57 -17.89 -13.93
C GLY B 132 -11.64 -17.41 -15.02
N LYS B 133 -12.17 -16.59 -15.93
CA LYS B 133 -11.37 -16.06 -17.03
C LYS B 133 -10.08 -15.47 -16.46
N VAL B 134 -10.22 -14.59 -15.48
CA VAL B 134 -9.09 -13.93 -14.83
C VAL B 134 -8.11 -14.95 -14.27
N HIS B 135 -8.58 -15.80 -13.37
CA HIS B 135 -7.70 -16.81 -12.79
C HIS B 135 -7.02 -17.60 -13.91
N ALA B 136 -7.65 -17.61 -15.09
CA ALA B 136 -7.14 -18.34 -16.25
C ALA B 136 -5.90 -17.74 -16.90
N MET B 137 -5.86 -16.41 -16.98
CA MET B 137 -4.75 -15.68 -17.59
C MET B 137 -3.42 -15.87 -16.88
N SER B 138 -2.35 -15.43 -17.54
CA SER B 138 -1.01 -15.53 -16.99
C SER B 138 -0.58 -14.16 -16.46
N ASN B 139 -0.71 -13.15 -17.31
CA ASN B 139 -0.36 -11.79 -16.94
C ASN B 139 -1.62 -10.92 -16.89
N TRP B 140 -2.18 -10.80 -15.70
CA TRP B 140 -3.38 -10.01 -15.49
C TRP B 140 -2.97 -8.66 -14.92
N VAL B 141 -3.75 -7.62 -15.21
CA VAL B 141 -3.47 -6.29 -14.70
C VAL B 141 -4.71 -5.77 -13.98
N CYS B 142 -4.60 -5.61 -12.66
CA CYS B 142 -5.72 -5.16 -11.86
C CYS B 142 -6.42 -3.97 -12.47
N TYR B 143 -7.62 -3.67 -11.98
CA TYR B 143 -8.40 -2.57 -12.51
C TYR B 143 -7.82 -1.21 -12.11
N LEU B 144 -7.11 -1.18 -10.99
CA LEU B 144 -6.49 0.07 -10.53
C LEU B 144 -5.19 0.36 -11.26
N CYS B 145 -4.64 -0.63 -11.96
CA CYS B 145 -3.41 -0.45 -12.71
C CYS B 145 -3.64 0.21 -14.07
N LEU B 146 -4.48 -0.38 -14.91
CA LEU B 146 -4.74 0.25 -16.21
C LEU B 146 -5.67 1.46 -16.03
N PRO B 147 -5.87 2.25 -17.09
CA PRO B 147 -6.72 3.44 -17.07
C PRO B 147 -8.22 3.21 -17.10
N SER B 148 -8.65 2.33 -18.00
CA SER B 148 -10.07 2.01 -18.18
C SER B 148 -10.91 2.24 -16.92
N SER B 149 -12.15 2.66 -17.13
CA SER B 149 -13.07 2.92 -16.03
C SER B 149 -14.32 2.05 -16.17
N ARG B 150 -14.51 1.48 -17.36
CA ARG B 150 -15.66 0.61 -17.60
C ARG B 150 -15.16 -0.83 -17.54
N SER B 151 -15.89 -1.66 -16.81
CA SER B 151 -15.54 -3.07 -16.65
C SER B 151 -16.76 -3.73 -16.03
N GLY B 152 -17.85 -3.76 -16.78
CA GLY B 152 -19.08 -4.33 -16.26
C GLY B 152 -19.71 -3.20 -15.47
N LEU B 153 -19.82 -3.36 -14.16
CA LEU B 153 -20.38 -2.33 -13.30
C LEU B 153 -19.27 -1.74 -12.45
N LEU B 154 -18.12 -2.41 -12.51
CA LEU B 154 -16.93 -2.04 -11.76
C LEU B 154 -16.14 -0.90 -12.38
N GLN B 155 -16.17 0.28 -11.76
CA GLN B 155 -15.42 1.41 -12.28
C GLN B 155 -14.39 1.92 -11.27
N ARG B 156 -13.21 2.24 -11.78
CA ARG B 156 -12.14 2.73 -10.95
C ARG B 156 -12.27 4.25 -10.83
N ARG B 157 -12.47 4.75 -9.62
CA ARG B 157 -12.58 6.19 -9.43
C ARG B 157 -11.33 6.88 -9.94
N ARG B 158 -11.49 8.07 -10.48
CA ARG B 158 -10.35 8.82 -10.99
C ARG B 158 -9.68 9.53 -9.81
N LYS B 159 -8.36 9.60 -9.86
CA LYS B 159 -7.57 10.23 -8.80
C LYS B 159 -8.04 9.67 -7.48
N TRP B 160 -7.81 8.37 -7.32
CA TRP B 160 -8.23 7.65 -6.13
C TRP B 160 -7.24 7.67 -5.00
N ARG B 161 -5.95 7.60 -5.33
CA ARG B 161 -4.95 7.60 -4.27
C ARG B 161 -5.20 8.74 -3.29
N SER B 162 -5.75 9.84 -3.79
CA SER B 162 -6.03 11.01 -2.96
C SER B 162 -7.34 10.84 -2.22
N GLN B 163 -8.31 10.26 -2.92
CA GLN B 163 -9.64 9.99 -2.38
C GLN B 163 -9.54 8.99 -1.21
N LEU B 164 -8.62 8.03 -1.34
CA LEU B 164 -8.39 7.01 -0.33
C LEU B 164 -7.85 7.67 0.93
N LYS B 165 -7.12 8.77 0.75
CA LYS B 165 -6.60 9.46 1.91
C LYS B 165 -7.78 10.14 2.60
N ALA B 166 -8.49 10.96 1.83
CA ALA B 166 -9.66 11.69 2.32
C ALA B 166 -10.53 10.76 3.17
N PHE B 167 -10.67 9.54 2.68
CA PHE B 167 -11.45 8.50 3.35
C PHE B 167 -10.88 8.34 4.76
N TYR B 168 -9.78 7.60 4.89
CA TYR B 168 -9.15 7.37 6.20
C TYR B 168 -9.21 8.61 7.07
N ASP B 169 -8.75 9.74 6.52
CA ASP B 169 -8.73 10.98 7.25
C ASP B 169 -10.10 11.31 7.84
N ARG B 170 -11.13 11.13 7.02
CA ARG B 170 -12.50 11.41 7.43
C ARG B 170 -13.20 10.30 8.24
N GLU B 171 -13.12 9.07 7.78
CA GLU B 171 -13.80 7.97 8.45
C GLU B 171 -13.13 7.35 9.67
N SER B 172 -11.83 7.55 9.86
CA SER B 172 -11.19 6.95 11.03
C SER B 172 -11.67 7.73 12.25
N GLU B 173 -11.62 7.13 13.44
CA GLU B 173 -12.11 7.85 14.61
C GLU B 173 -11.01 8.46 15.46
N ASN B 174 -9.79 8.33 14.96
CA ASN B 174 -8.61 8.89 15.61
C ASN B 174 -7.55 8.69 14.55
N PRO B 175 -7.55 9.57 13.54
CA PRO B 175 -6.60 9.51 12.43
C PRO B 175 -5.21 9.87 12.89
N LEU B 176 -4.23 9.30 12.20
CA LEU B 176 -2.84 9.54 12.50
C LEU B 176 -2.14 10.14 11.29
N GLU B 177 -0.86 10.43 11.44
CA GLU B 177 -0.11 10.99 10.31
C GLU B 177 -0.41 10.03 9.16
N MET B 178 -0.85 10.57 8.02
CA MET B 178 -1.19 9.75 6.87
C MET B 178 -0.85 10.40 5.51
N PHE B 179 0.29 10.02 4.91
CA PHE B 179 0.69 10.61 3.63
C PHE B 179 -0.04 9.98 2.46
N GLU B 180 -0.45 10.80 1.49
CA GLU B 180 -1.14 10.24 0.34
C GLU B 180 -0.22 9.26 -0.36
N THR B 181 -0.78 8.21 -0.95
CA THR B 181 0.05 7.22 -1.64
C THR B 181 0.64 7.76 -2.95
N VAL B 182 1.73 7.15 -3.36
CA VAL B 182 2.44 7.58 -4.56
C VAL B 182 2.29 6.73 -5.82
N PRO B 183 1.99 7.37 -6.97
CA PRO B 183 1.85 6.61 -8.21
C PRO B 183 3.13 5.81 -8.42
N VAL B 184 3.05 4.77 -9.24
CA VAL B 184 4.23 3.95 -9.47
C VAL B 184 5.29 4.66 -10.30
N TRP B 185 4.87 5.36 -11.35
CA TRP B 185 5.82 6.04 -12.19
C TRP B 185 6.45 7.27 -11.55
N ARG B 186 6.09 7.53 -10.29
CA ARG B 186 6.61 8.68 -9.58
C ARG B 186 7.48 8.28 -8.41
N ARG B 187 7.35 7.05 -7.96
CA ARG B 187 8.13 6.61 -6.81
C ARG B 187 9.62 6.72 -7.03
N GLN B 188 10.35 7.08 -5.98
CA GLN B 188 11.80 7.22 -6.07
C GLN B 188 12.47 6.42 -4.97
N PRO B 189 13.76 6.13 -5.13
CA PRO B 189 14.52 5.35 -4.15
C PRO B 189 14.46 5.93 -2.75
N VAL B 190 14.08 5.11 -1.77
CA VAL B 190 13.97 5.56 -0.39
C VAL B 190 15.35 5.85 0.16
N ARG B 191 15.50 7.01 0.81
CA ARG B 191 16.78 7.39 1.39
C ARG B 191 16.77 7.15 2.88
N VAL B 192 17.63 6.26 3.33
CA VAL B 192 17.61 5.90 4.73
C VAL B 192 18.79 6.34 5.58
N LEU B 193 18.52 6.54 6.86
CA LEU B 193 19.53 6.89 7.85
C LEU B 193 19.26 5.96 9.05
N SER B 194 20.10 4.95 9.29
CA SER B 194 19.86 4.07 10.43
C SER B 194 20.91 4.19 11.53
N LEU B 195 20.45 4.53 12.74
CA LEU B 195 21.36 4.71 13.87
C LEU B 195 21.52 3.52 14.80
N PHE B 196 22.77 3.24 15.13
CA PHE B 196 23.16 2.17 16.03
C PHE B 196 23.04 0.79 15.43
N GLU B 197 22.13 0.64 14.45
CA GLU B 197 21.95 -0.66 13.78
C GLU B 197 21.86 -0.50 12.26
N ASP B 198 22.40 -1.47 11.52
CA ASP B 198 22.38 -1.33 10.07
C ASP B 198 21.29 -2.11 9.35
N ILE B 199 20.11 -1.49 9.35
CA ILE B 199 18.92 -2.01 8.70
C ILE B 199 19.12 -2.27 7.20
N LYS B 200 20.36 -2.22 6.71
CA LYS B 200 20.59 -2.40 5.26
C LYS B 200 20.25 -3.76 4.68
N LYS B 201 20.78 -4.83 5.27
CA LYS B 201 20.51 -6.17 4.78
C LYS B 201 19.01 -6.34 4.53
N GLU B 202 18.21 -6.04 5.55
CA GLU B 202 16.75 -6.13 5.49
C GLU B 202 16.24 -5.33 4.32
N LEU B 203 16.18 -4.02 4.49
CA LEU B 203 15.67 -3.12 3.45
C LEU B 203 16.06 -3.57 2.05
N THR B 204 17.25 -4.14 1.93
CA THR B 204 17.73 -4.59 0.63
C THR B 204 16.99 -5.80 0.14
N SER B 205 16.72 -6.73 1.05
CA SER B 205 15.99 -7.94 0.69
C SER B 205 14.53 -7.61 0.35
N LEU B 206 13.93 -6.62 1.02
CA LEU B 206 12.55 -6.27 0.71
C LEU B 206 12.45 -5.54 -0.62
N GLY B 207 13.61 -5.25 -1.23
CA GLY B 207 13.62 -4.56 -2.50
C GLY B 207 13.48 -3.05 -2.43
N PHE B 208 13.81 -2.50 -1.27
CA PHE B 208 13.73 -1.05 -1.07
C PHE B 208 15.03 -0.39 -1.48
N LEU B 209 16.11 -1.16 -1.35
CA LEU B 209 17.45 -0.73 -1.67
C LEU B 209 18.04 -1.50 -2.82
N GLU B 210 18.55 -0.78 -3.82
CA GLU B 210 19.15 -1.41 -4.99
C GLU B 210 20.45 -2.06 -4.53
N SER B 211 20.74 -3.23 -5.09
CA SER B 211 21.95 -3.97 -4.72
C SER B 211 23.14 -3.54 -5.56
N GLY B 212 22.99 -3.63 -6.89
CA GLY B 212 24.06 -3.25 -7.78
C GLY B 212 24.26 -1.75 -7.84
N SER B 213 24.29 -1.12 -6.68
CA SER B 213 24.49 0.32 -6.59
C SER B 213 25.58 0.73 -5.63
N ASP B 214 26.47 1.60 -6.12
CA ASP B 214 27.58 2.11 -5.32
C ASP B 214 27.14 3.35 -4.53
N PRO B 215 26.21 4.17 -5.08
CA PRO B 215 25.77 5.35 -4.34
C PRO B 215 25.44 4.98 -2.89
N GLY B 216 24.47 4.09 -2.73
CA GLY B 216 24.07 3.67 -1.40
C GLY B 216 23.18 4.74 -0.81
N GLN B 217 21.88 4.51 -0.84
CA GLN B 217 20.94 5.50 -0.33
C GLN B 217 20.59 5.28 1.13
N LEU B 218 21.46 4.56 1.83
CA LEU B 218 21.28 4.29 3.23
C LEU B 218 22.58 4.58 3.95
N LYS B 219 22.53 5.41 4.99
CA LYS B 219 23.73 5.72 5.73
C LYS B 219 23.68 5.19 7.15
N HIS B 220 24.54 4.22 7.47
CA HIS B 220 24.56 3.71 8.84
C HIS B 220 25.53 4.61 9.63
N VAL B 221 25.31 4.74 10.92
CA VAL B 221 26.15 5.58 11.77
C VAL B 221 25.98 5.06 13.19
N VAL B 222 27.08 4.88 13.91
CA VAL B 222 26.92 4.37 15.26
C VAL B 222 27.25 5.34 16.37
N ASP B 223 28.42 5.96 16.32
CA ASP B 223 28.72 6.91 17.37
C ASP B 223 28.32 8.30 16.91
N VAL B 224 27.11 8.69 17.27
CA VAL B 224 26.58 9.99 16.89
C VAL B 224 26.86 10.97 18.00
N THR B 225 27.57 10.48 19.01
CA THR B 225 27.89 11.28 20.18
C THR B 225 28.27 12.72 19.93
N ASP B 226 28.92 12.97 18.80
CA ASP B 226 29.36 14.31 18.41
C ASP B 226 28.71 14.80 17.13
N THR B 227 27.65 14.14 16.66
CA THR B 227 27.02 14.58 15.43
C THR B 227 26.27 15.88 15.67
N VAL B 228 26.07 16.65 14.60
CA VAL B 228 25.38 17.92 14.70
C VAL B 228 24.45 18.18 13.52
N ARG B 229 23.42 19.00 13.74
CA ARG B 229 22.46 19.27 12.67
C ARG B 229 23.07 19.45 11.30
N LYS B 230 24.18 20.17 11.21
CA LYS B 230 24.80 20.36 9.90
C LYS B 230 25.17 18.98 9.38
N ASP B 231 25.81 18.18 10.22
CA ASP B 231 26.22 16.82 9.85
C ASP B 231 25.09 16.05 9.19
N VAL B 232 23.97 15.94 9.89
CA VAL B 232 22.82 15.24 9.36
C VAL B 232 22.34 15.86 8.05
N GLU B 233 22.10 17.17 8.08
CA GLU B 233 21.64 17.88 6.88
C GLU B 233 22.62 17.59 5.77
N GLU B 234 23.89 17.52 6.16
CA GLU B 234 24.97 17.28 5.22
C GLU B 234 24.85 15.91 4.63
N TRP B 235 24.57 14.91 5.48
CA TRP B 235 24.45 13.53 5.05
C TRP B 235 23.33 13.27 4.05
N GLY B 236 23.04 14.24 3.20
CA GLY B 236 21.99 14.06 2.22
C GLY B 236 20.68 14.08 2.96
N PRO B 237 19.56 14.38 2.29
CA PRO B 237 18.23 14.42 2.92
C PRO B 237 17.62 13.01 3.05
N PHE B 238 16.88 12.81 4.13
CA PHE B 238 16.29 11.52 4.42
C PHE B 238 14.78 11.35 4.26
N ASP B 239 14.38 10.12 3.96
CA ASP B 239 12.98 9.75 3.79
C ASP B 239 12.49 8.91 4.96
N LEU B 240 13.40 8.12 5.52
CA LEU B 240 13.10 7.23 6.63
C LEU B 240 14.27 7.20 7.60
N VAL B 241 14.01 7.52 8.86
CA VAL B 241 15.04 7.51 9.88
C VAL B 241 14.76 6.39 10.86
N TYR B 242 15.66 5.42 10.89
CA TYR B 242 15.53 4.27 11.77
C TYR B 242 16.54 4.31 12.91
N GLY B 243 16.17 3.72 14.04
CA GLY B 243 17.06 3.67 15.18
C GLY B 243 16.70 2.44 15.98
N ALA B 244 17.53 2.03 16.92
CA ALA B 244 17.21 0.84 17.71
C ALA B 244 18.21 0.65 18.83
N THR B 245 17.72 0.29 20.01
CA THR B 245 18.63 0.06 21.12
C THR B 245 19.33 -1.25 20.83
N PRO B 246 20.57 -1.43 21.30
CA PRO B 246 21.27 -2.68 21.03
C PRO B 246 20.66 -3.78 21.88
N PRO B 247 20.71 -5.03 21.40
CA PRO B 247 20.17 -6.19 22.11
C PRO B 247 20.75 -6.34 23.50
N LEU B 248 20.66 -7.56 24.03
CA LEU B 248 21.18 -7.84 25.37
C LEU B 248 22.65 -8.22 25.38
N GLY B 249 23.36 -7.85 24.32
CA GLY B 249 24.78 -8.13 24.23
C GLY B 249 25.55 -6.86 24.55
N HIS B 250 25.36 -6.38 25.78
CA HIS B 250 25.99 -5.16 26.29
C HIS B 250 27.16 -4.64 25.47
N THR B 251 26.85 -3.89 24.42
CA THR B 251 27.86 -3.35 23.53
C THR B 251 28.63 -2.18 24.17
N CYS B 252 27.91 -1.17 24.64
CA CYS B 252 28.56 -0.03 25.27
C CYS B 252 28.05 0.21 26.68
N ASP B 253 28.90 0.84 27.49
CA ASP B 253 28.54 1.15 28.87
C ASP B 253 27.33 2.08 28.77
N ARG B 254 27.22 2.73 27.62
CA ARG B 254 26.14 3.65 27.32
C ARG B 254 24.79 3.12 27.77
N PRO B 255 24.12 3.82 28.72
CA PRO B 255 22.82 3.35 29.18
C PRO B 255 21.92 3.18 27.97
N PRO B 256 20.72 2.62 28.17
CA PRO B 256 19.94 2.50 26.95
C PRO B 256 19.38 3.84 26.53
N SER B 257 18.80 4.56 27.50
CA SER B 257 18.20 5.87 27.26
C SER B 257 19.03 6.74 26.31
N TRP B 258 20.34 6.52 26.32
CA TRP B 258 21.24 7.27 25.45
C TRP B 258 20.67 7.13 24.04
N TYR B 259 20.70 5.90 23.53
CA TYR B 259 20.21 5.61 22.19
C TYR B 259 18.84 6.21 21.87
N LEU B 260 17.96 6.26 22.87
CA LEU B 260 16.66 6.84 22.67
C LEU B 260 16.86 8.32 22.36
N PHE B 261 17.29 9.05 23.39
CA PHE B 261 17.54 10.48 23.30
C PHE B 261 18.28 10.88 22.03
N GLN B 262 19.42 10.25 21.79
CA GLN B 262 20.18 10.57 20.59
C GLN B 262 19.29 10.41 19.37
N PHE B 263 18.62 9.26 19.25
CA PHE B 263 17.75 9.02 18.11
C PHE B 263 16.76 10.17 18.04
N HIS B 264 16.26 10.56 19.19
CA HIS B 264 15.32 11.65 19.26
C HIS B 264 15.94 12.87 18.59
N ARG B 265 17.04 13.34 19.20
CA ARG B 265 17.82 14.50 18.72
C ARG B 265 17.98 14.51 17.20
N LEU B 266 18.83 13.62 16.70
CA LEU B 266 19.07 13.53 15.27
C LEU B 266 17.81 13.37 14.45
N LEU B 267 16.77 12.78 15.03
CA LEU B 267 15.56 12.61 14.25
C LEU B 267 15.16 14.00 13.79
N GLN B 268 15.13 14.93 14.73
CA GLN B 268 14.74 16.28 14.39
C GLN B 268 15.59 16.84 13.27
N TYR B 269 16.91 16.78 13.43
CA TYR B 269 17.84 17.28 12.42
C TYR B 269 17.47 16.76 11.03
N ALA B 270 17.11 15.49 10.95
CA ALA B 270 16.80 14.85 9.68
C ALA B 270 15.45 15.24 9.07
N ARG B 271 14.61 15.89 9.87
CA ARG B 271 13.28 16.30 9.43
C ARG B 271 13.29 17.27 8.27
N PRO B 272 12.35 17.09 7.33
CA PRO B 272 12.18 17.92 6.14
C PRO B 272 11.96 19.40 6.44
N LYS B 273 12.61 20.24 5.62
CA LYS B 273 12.53 21.69 5.75
C LYS B 273 11.08 22.07 5.56
N PRO B 274 10.49 22.74 6.56
CA PRO B 274 9.08 23.15 6.47
C PRO B 274 8.69 23.51 5.04
N GLY B 275 7.53 23.02 4.60
CA GLY B 275 7.09 23.29 3.24
C GLY B 275 7.35 22.05 2.40
N SER B 276 7.75 21.00 3.10
CA SER B 276 8.06 19.72 2.46
C SER B 276 6.77 18.93 2.39
N PRO B 277 6.39 18.51 1.17
CA PRO B 277 5.17 17.74 0.97
C PRO B 277 5.39 16.26 1.23
N GLY B 278 6.45 15.75 0.59
CA GLY B 278 6.82 14.35 0.67
C GLY B 278 6.65 13.61 1.98
N PRO B 279 6.57 12.28 1.92
CA PRO B 279 6.40 11.42 3.09
C PRO B 279 7.71 11.26 3.80
N PHE B 280 7.71 11.47 5.11
CA PHE B 280 8.92 11.31 5.91
C PHE B 280 8.54 10.39 7.06
N PHE B 281 9.18 9.22 7.10
CA PHE B 281 8.89 8.21 8.11
C PHE B 281 10.02 7.90 9.07
N TRP B 282 9.65 7.54 10.28
CA TRP B 282 10.62 7.16 11.29
C TRP B 282 10.16 5.94 12.08
N MET B 283 11.08 5.34 12.82
CA MET B 283 10.71 4.17 13.59
C MET B 283 11.86 3.79 14.50
N PHE B 284 11.63 3.84 15.80
CA PHE B 284 12.66 3.46 16.77
C PHE B 284 12.25 2.15 17.43
N VAL B 285 13.21 1.24 17.51
CA VAL B 285 12.97 -0.07 18.06
C VAL B 285 13.67 -0.37 19.37
N ASP B 286 12.90 -0.66 20.41
CA ASP B 286 13.52 -1.02 21.67
C ASP B 286 13.58 -2.53 21.66
N ASN B 287 14.78 -3.09 21.77
CA ASN B 287 14.88 -4.52 21.78
C ASN B 287 14.82 -5.09 23.21
N LEU B 288 13.72 -4.77 23.90
CA LEU B 288 13.45 -5.26 25.25
C LEU B 288 14.55 -4.95 26.24
N VAL B 289 15.21 -3.81 26.06
CA VAL B 289 16.31 -3.47 26.95
C VAL B 289 16.16 -2.25 27.88
N LEU B 290 15.09 -1.48 27.77
CA LEU B 290 14.95 -0.35 28.70
C LEU B 290 13.85 -0.61 29.73
N ASN B 291 14.16 -0.36 31.01
CA ASN B 291 13.19 -0.57 32.09
C ASN B 291 11.98 0.32 31.95
N LYS B 292 10.98 0.10 32.79
CA LYS B 292 9.76 0.89 32.70
C LYS B 292 10.00 2.38 32.73
N GLU B 293 10.70 2.85 33.77
CA GLU B 293 10.96 4.27 33.86
C GLU B 293 11.41 4.85 32.52
N ASP B 294 12.52 4.34 32.00
CA ASP B 294 13.07 4.79 30.72
C ASP B 294 12.08 4.57 29.58
N LEU B 295 11.38 3.46 29.64
CA LEU B 295 10.38 3.08 28.65
C LEU B 295 9.27 4.15 28.58
N ASP B 296 8.85 4.66 29.73
CA ASP B 296 7.81 5.67 29.74
C ASP B 296 8.31 6.99 29.16
N VAL B 297 9.54 7.34 29.53
CA VAL B 297 10.17 8.56 29.02
C VAL B 297 10.20 8.45 27.51
N ALA B 298 10.75 7.34 27.02
CA ALA B 298 10.84 7.11 25.60
C ALA B 298 9.49 7.27 24.91
N SER B 299 8.40 7.09 25.67
CA SER B 299 7.10 7.23 25.05
C SER B 299 6.61 8.66 25.10
N ARG B 300 7.19 9.46 25.97
CA ARG B 300 6.78 10.86 26.06
C ARG B 300 7.50 11.59 24.95
N PHE B 301 8.75 11.20 24.70
CA PHE B 301 9.55 11.82 23.66
C PHE B 301 9.09 11.45 22.28
N LEU B 302 8.97 10.15 22.00
CA LEU B 302 8.50 9.70 20.69
C LEU B 302 6.99 9.99 20.54
N GLU B 303 6.35 10.40 21.64
CA GLU B 303 4.92 10.75 21.62
C GLU B 303 3.92 9.69 21.16
N MET B 304 4.00 8.50 21.73
CA MET B 304 3.10 7.40 21.38
C MET B 304 3.41 6.23 22.29
N GLU B 305 2.41 5.39 22.54
CA GLU B 305 2.62 4.23 23.40
C GLU B 305 3.31 3.18 22.53
N PRO B 306 4.17 2.37 23.14
CA PRO B 306 4.89 1.35 22.38
C PRO B 306 4.08 0.20 21.83
N VAL B 307 4.15 0.02 20.52
CA VAL B 307 3.47 -1.08 19.88
C VAL B 307 4.39 -2.28 20.08
N THR B 308 4.03 -3.19 20.99
CA THR B 308 4.87 -4.37 21.21
C THR B 308 4.47 -5.47 20.25
N ILE B 309 5.45 -6.01 19.53
CA ILE B 309 5.16 -7.08 18.58
C ILE B 309 6.06 -8.21 19.01
N PRO B 310 5.45 -9.38 19.28
CA PRO B 310 6.15 -10.58 19.73
C PRO B 310 6.31 -11.60 18.64
N ASP B 311 6.99 -12.67 19.00
CA ASP B 311 7.19 -13.81 18.13
C ASP B 311 6.71 -14.98 18.96
N VAL B 312 5.55 -15.50 18.60
CA VAL B 312 4.97 -16.63 19.32
C VAL B 312 5.14 -17.89 18.50
N HIS B 313 5.63 -18.93 19.15
CA HIS B 313 5.78 -20.23 18.52
C HIS B 313 5.16 -21.23 19.49
N GLY B 314 4.19 -22.00 19.01
CA GLY B 314 3.54 -22.96 19.87
C GLY B 314 2.93 -22.25 21.06
N GLY B 315 2.07 -21.27 20.78
CA GLY B 315 1.43 -20.53 21.85
C GLY B 315 2.33 -19.94 22.91
N SER B 316 3.65 -20.04 22.74
CA SER B 316 4.58 -19.50 23.72
C SER B 316 5.43 -18.36 23.16
N LEU B 317 5.70 -17.40 24.04
CA LEU B 317 6.49 -16.20 23.72
C LEU B 317 7.97 -16.47 23.61
N GLN B 318 8.47 -16.51 22.38
CA GLN B 318 9.88 -16.74 22.13
C GLN B 318 10.69 -15.45 22.26
N ASN B 319 10.25 -14.41 21.58
CA ASN B 319 10.93 -13.12 21.61
C ASN B 319 9.93 -12.00 21.35
N ALA B 320 10.35 -10.77 21.64
CA ALA B 320 9.49 -9.61 21.44
C ALA B 320 10.32 -8.38 21.10
N VAL B 321 9.66 -7.24 21.00
CA VAL B 321 10.37 -6.01 20.69
C VAL B 321 9.39 -4.86 20.72
N ARG B 322 9.72 -3.82 21.48
CA ARG B 322 8.87 -2.64 21.57
C ARG B 322 9.14 -1.78 20.34
N VAL B 323 8.13 -1.06 19.87
CA VAL B 323 8.31 -0.25 18.67
C VAL B 323 7.45 0.97 18.51
N TRP B 324 8.12 2.10 18.22
CA TRP B 324 7.45 3.38 18.00
C TRP B 324 7.69 3.78 16.54
N SER B 325 6.66 4.30 15.86
CA SER B 325 6.81 4.71 14.47
C SER B 325 5.60 5.46 13.94
N ASN B 326 5.77 6.11 12.79
CA ASN B 326 4.69 6.85 12.19
C ASN B 326 4.30 6.13 10.92
N ILE B 327 4.95 4.98 10.70
CA ILE B 327 4.67 4.20 9.49
C ILE B 327 3.24 3.71 9.55
N PRO B 328 2.59 3.61 8.39
CA PRO B 328 1.20 3.14 8.36
C PRO B 328 1.03 1.74 8.95
N ALA B 329 -0.07 1.57 9.69
CA ALA B 329 -0.43 0.30 10.29
C ALA B 329 0.48 -0.33 11.37
N ILE B 330 1.57 0.31 11.74
CA ILE B 330 2.43 -0.29 12.75
C ILE B 330 1.70 -0.61 14.06
N ARG B 331 0.61 0.09 14.34
CA ARG B 331 -0.10 -0.17 15.59
C ARG B 331 -0.97 -1.43 15.49
N SER B 332 -1.47 -1.67 14.29
CA SER B 332 -2.30 -2.83 14.05
C SER B 332 -1.37 -4.02 13.89
N ARG B 333 -0.40 -4.12 14.79
CA ARG B 333 0.54 -5.23 14.72
C ARG B 333 0.94 -5.49 16.17
N HIS B 334 0.19 -4.86 17.04
CA HIS B 334 0.41 -4.94 18.48
C HIS B 334 -0.34 -6.06 19.18
N TRP B 335 0.37 -6.77 20.04
CA TRP B 335 -0.22 -7.85 20.83
C TRP B 335 -0.57 -7.47 22.25
N ALA B 336 -1.75 -6.86 22.41
CA ALA B 336 -2.21 -6.46 23.74
C ALA B 336 -2.04 -7.61 24.73
N LEU B 337 -2.11 -8.81 24.17
CA LEU B 337 -2.02 -10.07 24.90
C LEU B 337 -0.74 -10.22 25.69
N VAL B 338 0.39 -10.00 25.04
CA VAL B 338 1.66 -10.14 25.74
C VAL B 338 1.71 -9.17 26.89
N SER B 339 1.77 -9.72 28.11
CA SER B 339 1.79 -8.89 29.31
C SER B 339 3.16 -8.32 29.59
N GLU B 340 3.21 -7.42 30.58
CA GLU B 340 4.47 -6.82 30.94
C GLU B 340 5.29 -7.92 31.59
N GLU B 341 4.78 -8.42 32.70
CA GLU B 341 5.46 -9.47 33.44
C GLU B 341 6.00 -10.55 32.52
N GLU B 342 5.18 -10.97 31.55
CA GLU B 342 5.60 -12.00 30.61
C GLU B 342 6.85 -11.54 29.89
N LEU B 343 6.92 -10.23 29.67
CA LEU B 343 8.06 -9.63 29.00
C LEU B 343 9.25 -9.48 29.92
N SER B 344 9.01 -8.95 31.12
CA SER B 344 10.08 -8.78 32.10
C SER B 344 10.77 -10.12 32.27
N LEU B 345 10.00 -11.19 32.08
CA LEU B 345 10.52 -12.53 32.22
C LEU B 345 11.30 -12.98 30.97
N LEU B 346 10.76 -12.72 29.79
CA LEU B 346 11.46 -13.10 28.57
C LEU B 346 12.84 -12.49 28.67
N ALA B 347 12.92 -11.31 29.28
CA ALA B 347 14.20 -10.61 29.45
C ALA B 347 15.10 -11.34 30.43
N GLN B 348 14.61 -11.52 31.65
CA GLN B 348 15.36 -12.21 32.69
C GLN B 348 16.06 -13.46 32.15
N ASN B 349 15.31 -14.29 31.43
CA ASN B 349 15.86 -15.53 30.87
C ASN B 349 16.77 -15.24 29.68
N LYS B 350 16.57 -14.10 29.03
CA LYS B 350 17.35 -13.72 27.86
C LYS B 350 18.79 -13.33 28.19
N GLN B 351 19.02 -12.81 29.39
CA GLN B 351 20.36 -12.42 29.82
C GLN B 351 21.09 -13.66 30.30
N SER B 352 20.41 -14.43 31.13
CA SER B 352 20.96 -15.65 31.71
C SER B 352 21.16 -16.76 30.68
N SER B 353 22.16 -16.58 29.82
CA SER B 353 22.51 -17.53 28.78
C SER B 353 23.65 -16.98 27.95
N LYS B 354 24.47 -17.87 27.39
CA LYS B 354 25.60 -17.47 26.55
C LYS B 354 25.21 -17.51 25.08
N LEU B 355 24.40 -16.54 24.66
CA LEU B 355 23.96 -16.48 23.28
C LEU B 355 24.35 -15.15 22.64
N ALA B 356 24.47 -15.17 21.31
CA ALA B 356 24.83 -13.99 20.53
C ALA B 356 23.69 -12.97 20.57
N ALA B 357 22.47 -13.47 20.74
CA ALA B 357 21.29 -12.62 20.80
C ALA B 357 21.11 -11.77 19.55
N LYS B 358 21.72 -12.19 18.44
CA LYS B 358 21.62 -11.46 17.18
C LYS B 358 20.29 -10.69 17.13
N TRP B 359 20.31 -9.45 16.65
CA TRP B 359 19.08 -8.68 16.63
C TRP B 359 17.93 -9.30 15.84
N PRO B 360 16.73 -9.33 16.45
CA PRO B 360 15.42 -9.83 16.03
C PRO B 360 14.85 -9.37 14.70
N THR B 361 15.65 -9.42 13.64
CA THR B 361 15.19 -8.99 12.33
C THR B 361 13.75 -9.35 11.92
N LYS B 362 13.53 -10.63 11.62
CA LYS B 362 12.23 -11.10 11.16
C LYS B 362 11.04 -10.42 11.80
N LEU B 363 11.19 -9.95 13.03
CA LEU B 363 10.11 -9.26 13.73
C LEU B 363 9.68 -7.99 13.03
N VAL B 364 10.60 -7.02 12.95
CA VAL B 364 10.28 -5.76 12.32
C VAL B 364 10.29 -5.80 10.80
N LYS B 365 11.22 -6.55 10.22
CA LYS B 365 11.33 -6.60 8.77
C LYS B 365 10.08 -6.30 7.96
N ASN B 366 8.92 -6.78 8.40
CA ASN B 366 7.70 -6.54 7.63
C ASN B 366 7.01 -5.21 7.85
N CYS B 367 7.30 -4.55 8.96
CA CYS B 367 6.66 -3.28 9.25
C CYS B 367 6.92 -2.27 8.13
N PHE B 368 7.95 -2.51 7.33
CA PHE B 368 8.29 -1.62 6.23
C PHE B 368 7.44 -1.83 4.98
N LEU B 369 6.76 -2.97 4.88
CA LEU B 369 5.97 -3.26 3.70
C LEU B 369 5.09 -2.12 3.17
N PRO B 370 4.47 -1.34 4.07
CA PRO B 370 3.61 -0.24 3.60
C PRO B 370 4.40 0.78 2.75
N LEU B 371 5.66 1.03 3.11
CA LEU B 371 6.46 1.98 2.37
C LEU B 371 6.42 1.62 0.88
N ARG B 372 6.32 0.33 0.61
CA ARG B 372 6.27 -0.14 -0.76
C ARG B 372 5.25 0.67 -1.58
N GLU B 373 4.28 1.28 -0.90
CA GLU B 373 3.24 2.02 -1.60
C GLU B 373 3.63 3.47 -1.83
N TYR B 374 4.71 3.88 -1.17
CA TYR B 374 5.20 5.26 -1.28
C TYR B 374 6.51 5.42 -2.02
N PHE B 375 7.39 4.42 -1.91
CA PHE B 375 8.70 4.49 -2.55
C PHE B 375 8.92 3.48 -3.65
N LYS B 376 10.03 3.63 -4.35
CA LYS B 376 10.36 2.73 -5.46
C LYS B 376 10.85 1.38 -4.98
N TYR B 377 10.46 0.36 -5.73
CA TYR B 377 10.82 -1.03 -5.43
C TYR B 377 11.55 -1.71 -6.59
N PHE B 378 12.58 -2.49 -6.24
CA PHE B 378 13.33 -3.25 -7.22
C PHE B 378 13.93 -4.51 -6.60
N SER B 379 13.47 -5.65 -7.10
CA SER B 379 13.97 -6.94 -6.64
C SER B 379 14.61 -7.58 -7.86
N THR B 380 14.21 -7.09 -9.02
CA THR B 380 14.70 -7.56 -10.31
C THR B 380 16.22 -7.40 -10.46
N GLY C 34 -29.76 -12.34 -20.34
CA GLY C 34 -28.91 -11.98 -19.16
C GLY C 34 -28.97 -13.00 -18.03
N ARG C 35 -28.08 -13.99 -18.09
CA ARG C 35 -28.01 -15.02 -17.07
C ARG C 35 -27.69 -14.44 -15.70
N ASP C 36 -27.33 -13.15 -15.68
CA ASP C 36 -26.97 -12.47 -14.44
C ASP C 36 -28.15 -11.85 -13.71
N LEU C 37 -29.35 -12.18 -14.13
CA LEU C 37 -30.56 -11.66 -13.51
C LEU C 37 -31.31 -12.82 -12.86
N ILE C 38 -31.08 -14.01 -13.39
CA ILE C 38 -31.71 -15.23 -12.91
C ILE C 38 -31.72 -15.31 -11.38
N ALA C 39 -30.54 -15.46 -10.79
CA ALA C 39 -30.39 -15.57 -9.35
C ALA C 39 -31.20 -14.53 -8.57
N TYR C 40 -31.54 -13.42 -9.23
CA TYR C 40 -32.32 -12.38 -8.56
C TYR C 40 -33.76 -12.82 -8.41
N GLU C 41 -34.46 -12.88 -9.55
CA GLU C 41 -35.86 -13.27 -9.60
C GLU C 41 -36.13 -14.40 -8.61
N VAL C 42 -35.36 -15.48 -8.73
CA VAL C 42 -35.47 -16.64 -7.85
C VAL C 42 -35.69 -16.31 -6.37
N LYS C 43 -34.89 -15.40 -5.82
CA LYS C 43 -35.00 -15.04 -4.41
C LYS C 43 -35.62 -13.68 -4.13
N ALA C 44 -35.79 -12.88 -5.17
CA ALA C 44 -36.35 -11.54 -4.99
C ALA C 44 -37.82 -11.48 -5.35
N ASN C 45 -38.23 -12.28 -6.33
CA ASN C 45 -39.61 -12.31 -6.77
C ASN C 45 -40.24 -13.66 -6.43
N GLN C 46 -39.64 -14.36 -5.46
CA GLN C 46 -40.10 -15.66 -5.01
C GLN C 46 -40.53 -16.56 -6.17
N ARG C 47 -39.78 -16.51 -7.26
CA ARG C 47 -40.08 -17.30 -8.45
C ARG C 47 -39.65 -18.76 -8.31
N ASN C 48 -39.34 -19.38 -9.44
CA ASN C 48 -38.92 -20.77 -9.47
C ASN C 48 -38.16 -21.04 -10.77
N ILE C 49 -36.96 -21.60 -10.67
CA ILE C 49 -36.12 -21.91 -11.82
C ILE C 49 -36.87 -22.59 -12.96
N GLU C 50 -37.95 -23.28 -12.62
CA GLU C 50 -38.75 -23.96 -13.61
C GLU C 50 -39.50 -22.97 -14.50
N ASP C 51 -39.74 -21.78 -13.96
CA ASP C 51 -40.46 -20.73 -14.67
C ASP C 51 -39.60 -19.88 -15.59
N ILE C 52 -38.27 -20.05 -15.50
CA ILE C 52 -37.34 -19.30 -16.32
C ILE C 52 -36.33 -20.22 -16.98
N CYS C 53 -35.67 -19.72 -18.03
CA CYS C 53 -34.68 -20.54 -18.73
C CYS C 53 -33.35 -20.57 -18.00
N ILE C 54 -33.10 -21.63 -17.23
CA ILE C 54 -31.83 -21.72 -16.54
C ILE C 54 -30.79 -22.16 -17.55
N CYS C 55 -30.70 -21.39 -18.62
CA CYS C 55 -29.76 -21.66 -19.69
C CYS C 55 -29.30 -20.30 -20.26
N CYS C 56 -30.27 -19.43 -20.52
CA CYS C 56 -29.99 -18.10 -21.07
C CYS C 56 -30.73 -17.02 -20.26
N GLY C 57 -31.48 -17.44 -19.25
CA GLY C 57 -32.22 -16.49 -18.45
C GLY C 57 -33.41 -15.91 -19.19
N SER C 58 -34.25 -16.79 -19.72
CA SER C 58 -35.44 -16.38 -20.47
C SER C 58 -36.69 -16.63 -19.62
N LEU C 59 -37.81 -16.02 -20.02
CA LEU C 59 -39.07 -16.19 -19.28
C LEU C 59 -40.12 -17.01 -20.03
N GLN C 60 -40.01 -17.06 -21.36
CA GLN C 60 -40.94 -17.83 -22.18
C GLN C 60 -40.39 -19.25 -22.36
N VAL C 61 -40.77 -20.13 -21.43
CA VAL C 61 -40.32 -21.53 -21.46
C VAL C 61 -41.28 -22.48 -22.17
N HIS C 62 -40.72 -23.53 -22.76
CA HIS C 62 -41.50 -24.53 -23.49
C HIS C 62 -41.52 -25.89 -22.78
N THR C 63 -40.58 -26.09 -21.86
CA THR C 63 -40.48 -27.35 -21.11
C THR C 63 -39.63 -27.24 -19.85
N GLN C 64 -38.87 -28.30 -19.57
CA GLN C 64 -37.99 -28.31 -18.40
C GLN C 64 -36.62 -28.91 -18.73
N HIS C 65 -35.59 -28.36 -18.11
CA HIS C 65 -34.21 -28.80 -18.34
C HIS C 65 -33.97 -30.27 -17.94
N PRO C 66 -33.46 -31.07 -18.87
CA PRO C 66 -33.17 -32.49 -18.66
C PRO C 66 -32.14 -32.79 -17.57
N LEU C 67 -31.02 -32.06 -17.59
CA LEU C 67 -29.97 -32.29 -16.62
C LEU C 67 -30.14 -31.66 -15.23
N PHE C 68 -30.55 -30.39 -15.18
CA PHE C 68 -30.73 -29.71 -13.88
C PHE C 68 -32.10 -29.03 -13.73
N GLU C 69 -32.53 -28.88 -12.47
CA GLU C 69 -33.82 -28.27 -12.16
C GLU C 69 -34.01 -26.88 -12.74
N GLY C 70 -34.86 -26.77 -13.76
CA GLY C 70 -35.11 -25.48 -14.37
C GLY C 70 -35.68 -25.56 -15.78
N GLY C 71 -36.50 -24.57 -16.15
CA GLY C 71 -37.09 -24.57 -17.48
C GLY C 71 -36.09 -24.35 -18.60
N ILE C 72 -36.59 -24.33 -19.84
CA ILE C 72 -35.76 -24.10 -21.03
C ILE C 72 -36.56 -23.26 -22.01
N CYS C 73 -35.92 -22.77 -23.07
CA CYS C 73 -36.60 -21.95 -24.06
C CYS C 73 -36.37 -22.48 -25.47
N ALA C 74 -36.98 -21.83 -26.46
CA ALA C 74 -36.86 -22.24 -27.86
C ALA C 74 -35.47 -22.67 -28.35
N PRO C 75 -34.60 -21.72 -28.74
CA PRO C 75 -33.27 -22.13 -29.21
C PRO C 75 -32.47 -22.98 -28.22
N CYS C 76 -32.55 -22.64 -26.94
CA CYS C 76 -31.83 -23.39 -25.91
C CYS C 76 -32.26 -24.85 -25.94
N LYS C 77 -33.53 -25.08 -26.23
CA LYS C 77 -34.04 -26.45 -26.31
C LYS C 77 -33.34 -27.08 -27.51
N ASP C 78 -33.26 -26.31 -28.59
CA ASP C 78 -32.62 -26.77 -29.82
C ASP C 78 -31.14 -27.02 -29.59
N LYS C 79 -30.40 -25.96 -29.22
CA LYS C 79 -28.98 -26.10 -28.97
C LYS C 79 -28.73 -27.28 -28.04
N PHE C 80 -29.53 -27.37 -26.98
CA PHE C 80 -29.39 -28.47 -26.01
C PHE C 80 -29.57 -29.80 -26.72
N LEU C 81 -30.32 -29.76 -27.84
CA LEU C 81 -30.59 -30.96 -28.62
C LEU C 81 -29.53 -31.15 -29.70
N ASP C 82 -29.32 -30.12 -30.51
CA ASP C 82 -28.33 -30.17 -31.59
C ASP C 82 -26.99 -30.65 -31.05
N ALA C 83 -26.83 -30.57 -29.74
CA ALA C 83 -25.61 -31.00 -29.08
C ALA C 83 -25.98 -32.06 -28.06
N LEU C 84 -26.79 -33.02 -28.49
CA LEU C 84 -27.25 -34.09 -27.61
C LEU C 84 -26.15 -35.05 -27.19
N PHE C 85 -25.34 -35.50 -28.14
CA PHE C 85 -24.27 -36.43 -27.80
C PHE C 85 -23.02 -36.08 -28.57
N LEU C 86 -22.99 -34.87 -29.10
CA LEU C 86 -21.85 -34.38 -29.87
C LEU C 86 -20.59 -34.44 -29.01
N TYR C 87 -19.61 -35.21 -29.43
CA TYR C 87 -18.36 -35.33 -28.68
C TYR C 87 -17.21 -34.50 -29.23
N ASP C 88 -16.38 -34.01 -28.30
CA ASP C 88 -15.22 -33.20 -28.63
C ASP C 88 -14.15 -34.15 -29.17
N ASP C 89 -13.71 -33.91 -30.40
CA ASP C 89 -12.71 -34.77 -31.04
C ASP C 89 -11.69 -35.29 -30.04
N ASP C 90 -11.81 -36.56 -29.67
CA ASP C 90 -10.90 -37.20 -28.74
C ASP C 90 -10.99 -36.52 -27.36
N GLY C 91 -12.20 -36.14 -26.99
CA GLY C 91 -12.41 -35.47 -25.72
C GLY C 91 -13.71 -35.77 -25.02
N TYR C 92 -14.35 -34.72 -24.53
CA TYR C 92 -15.60 -34.83 -23.78
C TYR C 92 -16.66 -33.92 -24.38
N GLN C 93 -17.89 -34.01 -23.85
CA GLN C 93 -19.01 -33.22 -24.31
C GLN C 93 -18.53 -31.82 -24.71
N SER C 94 -18.43 -31.60 -26.01
CA SER C 94 -17.96 -30.33 -26.53
C SER C 94 -18.65 -29.10 -25.98
N TYR C 95 -19.95 -29.18 -25.70
CA TYR C 95 -20.65 -27.99 -25.18
C TYR C 95 -20.98 -28.05 -23.69
N CYS C 96 -21.49 -26.95 -23.15
CA CYS C 96 -21.82 -26.89 -21.73
C CYS C 96 -23.03 -27.75 -21.41
N SER C 97 -22.86 -28.63 -20.43
CA SER C 97 -23.92 -29.51 -19.97
C SER C 97 -25.04 -28.72 -19.30
N ILE C 98 -25.29 -27.51 -19.79
CA ILE C 98 -26.33 -26.70 -19.21
C ILE C 98 -26.83 -25.66 -20.19
N CYS C 99 -26.01 -25.35 -21.20
CA CYS C 99 -26.38 -24.37 -22.22
C CYS C 99 -25.75 -24.62 -23.59
N CYS C 100 -24.59 -25.26 -23.61
CA CYS C 100 -23.88 -25.58 -24.85
C CYS C 100 -23.03 -24.45 -25.44
N SER C 101 -21.95 -24.11 -24.76
CA SER C 101 -21.06 -23.04 -25.22
C SER C 101 -19.60 -23.49 -25.09
N GLY C 102 -18.99 -23.85 -26.20
CA GLY C 102 -17.62 -24.31 -26.16
C GLY C 102 -16.60 -23.26 -25.72
N GLU C 103 -17.07 -22.07 -25.37
CA GLU C 103 -16.19 -20.97 -24.94
C GLU C 103 -15.20 -21.37 -23.85
N THR C 104 -15.58 -21.18 -22.60
CA THR C 104 -14.73 -21.54 -21.46
C THR C 104 -15.16 -22.93 -21.00
N LEU C 105 -14.23 -23.72 -20.47
CA LEU C 105 -14.59 -25.06 -20.05
C LEU C 105 -14.10 -25.52 -18.69
N LEU C 106 -15.02 -26.13 -17.95
CA LEU C 106 -14.74 -26.68 -16.63
C LEU C 106 -14.85 -28.20 -16.72
N ILE C 107 -13.74 -28.85 -17.03
CA ILE C 107 -13.71 -30.30 -17.16
C ILE C 107 -13.75 -31.03 -15.83
N CYS C 108 -14.58 -32.07 -15.76
CA CYS C 108 -14.72 -32.88 -14.55
C CYS C 108 -13.51 -33.80 -14.43
N GLY C 109 -12.77 -33.64 -13.34
CA GLY C 109 -11.58 -34.45 -13.11
C GLY C 109 -11.93 -35.87 -12.75
N ASN C 110 -13.14 -36.28 -13.11
CA ASN C 110 -13.62 -37.62 -12.83
C ASN C 110 -13.05 -38.55 -13.90
N PRO C 111 -12.21 -39.52 -13.51
CA PRO C 111 -11.58 -40.49 -14.40
C PRO C 111 -12.52 -41.25 -15.35
N ASP C 112 -13.79 -40.86 -15.37
CA ASP C 112 -14.77 -41.52 -16.23
C ASP C 112 -15.91 -40.61 -16.67
N CYS C 113 -15.84 -39.33 -16.31
CA CYS C 113 -16.90 -38.40 -16.69
C CYS C 113 -16.56 -37.57 -17.93
N THR C 114 -17.40 -37.68 -18.95
CA THR C 114 -17.22 -36.96 -20.20
C THR C 114 -18.12 -35.73 -20.27
N ARG C 115 -18.17 -34.97 -19.19
CA ARG C 115 -18.99 -33.77 -19.14
C ARG C 115 -18.16 -32.58 -18.68
N CYS C 116 -18.72 -31.38 -18.87
CA CYS C 116 -18.06 -30.14 -18.47
C CYS C 116 -19.00 -28.97 -18.80
N TYR C 117 -18.90 -27.91 -17.99
CA TYR C 117 -19.77 -26.76 -18.14
C TYR C 117 -19.04 -25.42 -18.25
N CYS C 118 -19.84 -24.36 -18.38
CA CYS C 118 -19.34 -23.00 -18.51
C CYS C 118 -18.59 -22.44 -17.33
N PHE C 119 -18.29 -21.16 -17.44
CA PHE C 119 -17.62 -20.39 -16.41
C PHE C 119 -18.74 -19.50 -15.92
N GLU C 120 -19.37 -18.80 -16.86
CA GLU C 120 -20.45 -17.89 -16.51
C GLU C 120 -21.71 -18.62 -16.08
N CYS C 121 -21.80 -19.90 -16.40
CA CYS C 121 -22.97 -20.66 -16.00
C CYS C 121 -22.94 -20.76 -14.48
N VAL C 122 -22.05 -21.60 -13.97
CA VAL C 122 -21.93 -21.77 -12.53
C VAL C 122 -22.16 -20.46 -11.79
N ASP C 123 -21.40 -19.43 -12.16
CA ASP C 123 -21.52 -18.13 -11.49
C ASP C 123 -22.94 -17.56 -11.43
N SER C 124 -23.63 -17.55 -12.56
CA SER C 124 -24.99 -17.00 -12.59
C SER C 124 -26.01 -17.85 -11.82
N LEU C 125 -25.69 -19.12 -11.62
CA LEU C 125 -26.56 -20.04 -10.89
C LEU C 125 -25.98 -20.44 -9.52
N VAL C 126 -24.97 -21.31 -9.53
CA VAL C 126 -24.31 -21.77 -8.30
C VAL C 126 -23.99 -20.62 -7.33
N GLY C 127 -23.78 -19.44 -7.90
CA GLY C 127 -23.45 -18.27 -7.09
C GLY C 127 -22.20 -17.57 -7.59
N PRO C 128 -22.06 -16.26 -7.31
CA PRO C 128 -20.87 -15.50 -7.75
C PRO C 128 -19.57 -16.06 -7.21
N GLY C 129 -18.51 -15.90 -7.98
CA GLY C 129 -17.20 -16.34 -7.56
C GLY C 129 -17.01 -17.82 -7.34
N THR C 130 -17.58 -18.65 -8.22
CA THR C 130 -17.46 -20.09 -8.08
C THR C 130 -16.51 -20.63 -9.14
N SER C 131 -16.62 -20.08 -10.36
CA SER C 131 -15.77 -20.51 -11.48
C SER C 131 -14.31 -20.51 -11.06
N GLY C 132 -13.89 -19.46 -10.38
CA GLY C 132 -12.52 -19.41 -9.92
C GLY C 132 -12.35 -20.52 -8.92
N LYS C 133 -13.18 -20.49 -7.87
CA LYS C 133 -13.15 -21.49 -6.79
C LYS C 133 -13.04 -22.89 -7.36
N VAL C 134 -13.75 -23.12 -8.47
CA VAL C 134 -13.75 -24.41 -9.15
C VAL C 134 -12.42 -24.64 -9.86
N HIS C 135 -12.10 -23.73 -10.77
CA HIS C 135 -10.87 -23.81 -11.55
C HIS C 135 -9.67 -23.99 -10.62
N ALA C 136 -9.82 -23.50 -9.38
CA ALA C 136 -8.78 -23.58 -8.38
C ALA C 136 -8.41 -24.98 -7.90
N MET C 137 -9.28 -25.95 -8.15
CA MET C 137 -9.03 -27.31 -7.66
C MET C 137 -8.29 -28.30 -8.55
N SER C 138 -8.68 -28.38 -9.83
CA SER C 138 -8.08 -29.33 -10.77
C SER C 138 -8.07 -30.73 -10.13
N ASN C 139 -9.23 -31.11 -9.60
CA ASN C 139 -9.46 -32.39 -8.93
C ASN C 139 -10.89 -32.24 -8.44
N TRP C 140 -11.76 -31.86 -9.35
CA TRP C 140 -13.17 -31.60 -9.08
C TRP C 140 -14.14 -32.69 -9.53
N VAL C 141 -15.17 -32.91 -8.72
CA VAL C 141 -16.20 -33.91 -9.02
C VAL C 141 -17.45 -33.11 -9.40
N CYS C 142 -17.72 -33.03 -10.71
CA CYS C 142 -18.85 -32.25 -11.20
C CYS C 142 -20.15 -32.46 -10.42
N TYR C 143 -21.17 -31.69 -10.76
CA TYR C 143 -22.45 -31.78 -10.09
C TYR C 143 -23.15 -33.10 -10.33
N LEU C 144 -23.04 -33.60 -11.57
CA LEU C 144 -23.66 -34.86 -11.93
C LEU C 144 -22.66 -35.99 -11.77
N CYS C 145 -22.03 -36.04 -10.61
CA CYS C 145 -21.04 -37.06 -10.27
C CYS C 145 -21.05 -37.20 -8.76
N LEU C 146 -21.63 -36.18 -8.12
CA LEU C 146 -21.73 -36.15 -6.66
C LEU C 146 -23.11 -36.59 -6.19
N PRO C 147 -23.15 -37.46 -5.16
CA PRO C 147 -24.38 -37.99 -4.55
C PRO C 147 -25.42 -36.93 -4.17
N SER C 148 -24.96 -35.79 -3.70
CA SER C 148 -25.85 -34.71 -3.30
C SER C 148 -26.67 -34.21 -4.49
N SER C 149 -27.51 -33.20 -4.26
CA SER C 149 -28.33 -32.64 -5.31
C SER C 149 -28.16 -31.14 -5.48
N ARG C 150 -28.18 -30.41 -4.35
CA ARG C 150 -28.02 -28.97 -4.41
C ARG C 150 -26.67 -28.46 -3.94
N SER C 151 -26.11 -27.53 -4.71
CA SER C 151 -24.83 -26.90 -4.41
C SER C 151 -25.08 -25.41 -4.26
N GLY C 152 -25.72 -24.82 -5.27
CA GLY C 152 -26.02 -23.40 -5.21
C GLY C 152 -27.52 -23.19 -5.34
N LEU C 153 -27.93 -22.52 -6.41
CA LEU C 153 -29.34 -22.29 -6.68
C LEU C 153 -29.64 -23.32 -7.77
N LEU C 154 -28.56 -23.92 -8.28
CA LEU C 154 -28.64 -24.93 -9.32
C LEU C 154 -28.95 -26.25 -8.61
N GLN C 155 -29.93 -26.99 -9.14
CA GLN C 155 -30.37 -28.26 -8.55
C GLN C 155 -30.42 -29.46 -9.52
N ARG C 156 -29.55 -30.43 -9.29
CA ARG C 156 -29.53 -31.63 -10.11
C ARG C 156 -30.82 -32.38 -9.80
N ARG C 157 -31.72 -32.48 -10.79
CA ARG C 157 -32.99 -33.17 -10.56
C ARG C 157 -32.88 -34.67 -10.39
N ARG C 158 -33.77 -35.20 -9.54
CA ARG C 158 -33.83 -36.62 -9.23
C ARG C 158 -33.70 -37.47 -10.48
N LYS C 159 -32.61 -38.23 -10.55
CA LYS C 159 -32.31 -39.10 -11.68
C LYS C 159 -32.80 -38.58 -13.04
N TRP C 160 -31.87 -37.91 -13.69
CA TRP C 160 -32.02 -37.26 -14.99
C TRP C 160 -31.86 -38.25 -16.16
N ARG C 161 -30.84 -39.11 -16.07
CA ARG C 161 -30.55 -40.09 -17.10
C ARG C 161 -31.75 -40.46 -17.96
N SER C 162 -32.85 -40.85 -17.32
CA SER C 162 -34.07 -41.19 -18.04
C SER C 162 -34.70 -39.89 -18.51
N GLN C 163 -34.87 -38.97 -17.58
CA GLN C 163 -35.45 -37.66 -17.86
C GLN C 163 -34.80 -37.01 -19.08
N LEU C 164 -33.56 -37.40 -19.37
CA LEU C 164 -32.81 -36.86 -20.51
C LEU C 164 -33.35 -37.43 -21.81
N LYS C 165 -33.43 -38.76 -21.87
CA LYS C 165 -33.94 -39.46 -23.05
C LYS C 165 -35.35 -38.97 -23.38
N ALA C 166 -36.21 -38.96 -22.36
CA ALA C 166 -37.58 -38.52 -22.52
C ALA C 166 -37.67 -37.13 -23.13
N PHE C 167 -36.64 -36.32 -22.90
CA PHE C 167 -36.60 -34.97 -23.45
C PHE C 167 -36.42 -35.04 -24.96
N TYR C 168 -35.63 -36.03 -25.39
CA TYR C 168 -35.36 -36.24 -26.81
C TYR C 168 -36.68 -36.51 -27.50
N ASP C 169 -37.32 -37.60 -27.09
CA ASP C 169 -38.59 -38.04 -27.64
C ASP C 169 -39.71 -37.03 -27.36
N ARG C 170 -39.51 -36.20 -26.34
CA ARG C 170 -40.50 -35.20 -25.97
C ARG C 170 -40.47 -33.96 -26.85
N GLU C 171 -39.27 -33.45 -27.15
CA GLU C 171 -39.15 -32.25 -27.96
C GLU C 171 -38.59 -32.41 -29.38
N SER C 172 -37.85 -33.49 -29.62
CA SER C 172 -37.27 -33.68 -30.96
C SER C 172 -38.37 -33.91 -32.00
N GLU C 173 -38.22 -33.26 -33.15
CA GLU C 173 -39.20 -33.36 -34.24
C GLU C 173 -39.18 -34.69 -34.98
N ASN C 174 -38.37 -35.65 -34.51
CA ASN C 174 -38.27 -36.95 -35.13
C ASN C 174 -37.35 -37.86 -34.33
N PRO C 175 -37.78 -38.28 -33.13
CA PRO C 175 -36.99 -39.15 -32.26
C PRO C 175 -36.32 -40.28 -33.04
N LEU C 176 -35.47 -41.04 -32.38
CA LEU C 176 -34.79 -42.15 -33.04
C LEU C 176 -34.38 -43.19 -32.01
N GLU C 177 -33.77 -44.27 -32.48
CA GLU C 177 -33.33 -45.33 -31.58
C GLU C 177 -32.30 -44.78 -30.61
N MET C 178 -32.62 -44.81 -29.32
CA MET C 178 -31.71 -44.30 -28.29
C MET C 178 -32.03 -44.83 -26.90
N PHE C 179 -31.16 -45.67 -26.36
CA PHE C 179 -31.37 -46.23 -25.04
C PHE C 179 -31.14 -45.16 -23.98
N GLU C 180 -31.21 -45.54 -22.72
CA GLU C 180 -31.01 -44.60 -21.62
C GLU C 180 -29.56 -44.67 -21.14
N THR C 181 -29.06 -43.53 -20.67
CA THR C 181 -27.70 -43.39 -20.17
C THR C 181 -27.31 -44.54 -19.22
N VAL C 182 -26.03 -44.62 -18.89
CA VAL C 182 -25.54 -45.67 -18.00
C VAL C 182 -24.71 -45.09 -16.87
N PRO C 183 -25.16 -45.25 -15.62
CA PRO C 183 -24.42 -44.74 -14.46
C PRO C 183 -22.96 -45.20 -14.45
N VAL C 184 -22.11 -44.43 -13.79
CA VAL C 184 -20.69 -44.76 -13.72
C VAL C 184 -20.37 -46.06 -12.99
N TRP C 185 -20.99 -46.29 -11.83
CA TRP C 185 -20.73 -47.51 -11.07
C TRP C 185 -21.35 -48.72 -11.76
N ARG C 186 -22.48 -48.51 -12.41
CA ARG C 186 -23.19 -49.57 -13.12
C ARG C 186 -22.96 -49.43 -14.63
N ARG C 187 -21.70 -49.60 -15.04
CA ARG C 187 -21.34 -49.47 -16.45
C ARG C 187 -20.26 -50.51 -16.79
N GLN C 188 -20.68 -51.77 -16.95
CA GLN C 188 -19.76 -52.84 -17.29
C GLN C 188 -19.10 -52.58 -18.64
N PRO C 189 -18.01 -53.30 -18.95
CA PRO C 189 -17.25 -53.19 -20.21
C PRO C 189 -18.09 -53.17 -21.50
N VAL C 190 -17.49 -53.66 -22.58
CA VAL C 190 -18.17 -53.73 -23.87
C VAL C 190 -17.74 -54.98 -24.62
N ARG C 191 -18.69 -55.59 -25.33
CA ARG C 191 -18.44 -56.80 -26.13
C ARG C 191 -18.88 -56.48 -27.55
N VAL C 192 -17.93 -56.57 -28.48
CA VAL C 192 -18.24 -56.26 -29.87
C VAL C 192 -17.93 -57.36 -30.86
N LEU C 193 -18.76 -57.46 -31.90
CA LEU C 193 -18.60 -58.44 -32.95
C LEU C 193 -18.17 -57.69 -34.20
N SER C 194 -17.00 -58.03 -34.70
CA SER C 194 -16.45 -57.40 -35.91
C SER C 194 -16.54 -58.38 -37.07
N LEU C 195 -17.11 -57.94 -38.18
CA LEU C 195 -17.26 -58.79 -39.35
C LEU C 195 -16.59 -58.20 -40.58
N PHE C 196 -15.67 -58.97 -41.17
CA PHE C 196 -14.93 -58.55 -42.37
C PHE C 196 -14.03 -57.35 -42.12
N GLU C 197 -13.28 -57.39 -41.02
CA GLU C 197 -12.36 -56.32 -40.63
C GLU C 197 -12.08 -56.44 -39.14
N ASP C 198 -10.86 -56.11 -38.73
CA ASP C 198 -10.52 -56.18 -37.32
C ASP C 198 -10.49 -54.79 -36.69
N ILE C 199 -11.40 -54.57 -35.75
CA ILE C 199 -11.49 -53.30 -35.05
C ILE C 199 -10.87 -53.48 -33.66
N LYS C 200 -9.97 -54.46 -33.55
CA LYS C 200 -9.30 -54.74 -32.29
C LYS C 200 -8.17 -53.73 -32.02
N LYS C 201 -8.05 -52.75 -32.91
CA LYS C 201 -7.03 -51.72 -32.78
C LYS C 201 -7.71 -50.37 -32.54
N GLU C 202 -8.26 -49.81 -33.61
CA GLU C 202 -8.94 -48.51 -33.56
C GLU C 202 -10.06 -48.43 -32.52
N LEU C 203 -10.25 -49.51 -31.76
CA LEU C 203 -11.28 -49.54 -30.73
C LEU C 203 -10.62 -49.77 -29.38
N THR C 204 -9.32 -50.04 -29.41
CA THR C 204 -8.53 -50.26 -28.19
C THR C 204 -8.11 -48.90 -27.65
N SER C 205 -7.28 -48.22 -28.43
CA SER C 205 -6.80 -46.90 -28.06
C SER C 205 -7.98 -45.95 -28.01
N LEU C 206 -9.07 -46.33 -28.68
CA LEU C 206 -10.28 -45.52 -28.70
C LEU C 206 -10.77 -45.38 -27.26
N GLY C 207 -10.25 -46.21 -26.38
CA GLY C 207 -10.61 -46.18 -24.98
C GLY C 207 -11.55 -47.29 -24.52
N PHE C 208 -12.16 -48.00 -25.48
CA PHE C 208 -13.08 -49.09 -25.17
C PHE C 208 -12.38 -50.41 -24.84
N LEU C 209 -11.97 -51.16 -25.84
CA LEU C 209 -11.29 -52.42 -25.60
C LEU C 209 -10.03 -52.13 -24.78
N GLU C 210 -9.86 -52.85 -23.67
CA GLU C 210 -8.69 -52.64 -22.80
C GLU C 210 -7.55 -53.62 -23.05
N SER C 211 -7.08 -53.65 -24.29
CA SER C 211 -5.98 -54.53 -24.70
C SER C 211 -4.94 -54.74 -23.60
N GLY C 212 -4.43 -55.96 -23.49
CA GLY C 212 -3.44 -56.27 -22.48
C GLY C 212 -3.43 -57.72 -22.01
N SER C 213 -4.57 -58.40 -22.16
CA SER C 213 -4.68 -59.79 -21.72
C SER C 213 -4.87 -60.74 -22.93
N ASP C 214 -5.80 -61.69 -22.81
CA ASP C 214 -6.06 -62.64 -23.89
C ASP C 214 -7.51 -62.68 -24.39
N PRO C 215 -8.50 -62.81 -23.49
CA PRO C 215 -9.92 -62.85 -23.88
C PRO C 215 -10.33 -61.82 -24.94
N GLY C 216 -10.73 -60.64 -24.50
CA GLY C 216 -11.13 -59.60 -25.42
C GLY C 216 -12.50 -59.84 -26.02
N GLN C 217 -13.49 -59.16 -25.46
CA GLN C 217 -14.88 -59.27 -25.91
C GLN C 217 -15.08 -58.72 -27.32
N LEU C 218 -14.09 -58.95 -28.18
CA LEU C 218 -14.15 -58.51 -29.57
C LEU C 218 -13.68 -59.66 -30.46
N LYS C 219 -14.62 -60.25 -31.19
CA LYS C 219 -14.31 -61.36 -32.09
C LYS C 219 -14.36 -60.91 -33.54
N HIS C 220 -13.43 -61.41 -34.36
CA HIS C 220 -13.37 -61.05 -35.77
C HIS C 220 -14.05 -62.10 -36.66
N VAL C 221 -15.02 -61.64 -37.44
CA VAL C 221 -15.77 -62.51 -38.35
C VAL C 221 -15.20 -62.50 -39.75
N VAL C 222 -14.36 -63.51 -40.05
CA VAL C 222 -13.76 -63.63 -41.36
C VAL C 222 -14.78 -64.20 -42.35
N ASP C 223 -15.10 -65.49 -42.17
CA ASP C 223 -16.06 -66.19 -43.02
C ASP C 223 -17.34 -66.53 -42.26
N VAL C 224 -18.44 -65.88 -42.63
CA VAL C 224 -19.73 -66.08 -41.99
C VAL C 224 -20.61 -67.10 -42.73
N THR C 225 -20.04 -67.76 -43.73
CA THR C 225 -20.78 -68.75 -44.50
C THR C 225 -21.02 -70.01 -43.67
N ASP C 226 -19.95 -70.58 -43.12
CA ASP C 226 -20.04 -71.79 -42.31
C ASP C 226 -20.23 -71.46 -40.83
N THR C 227 -20.83 -70.30 -40.57
CA THR C 227 -21.11 -69.85 -39.21
C THR C 227 -22.63 -69.87 -39.03
N VAL C 228 -23.08 -70.57 -38.00
CA VAL C 228 -24.51 -70.68 -37.73
C VAL C 228 -24.97 -69.83 -36.55
N ARG C 229 -26.29 -69.65 -36.45
CA ARG C 229 -26.88 -68.88 -35.35
C ARG C 229 -26.62 -69.54 -34.00
N LYS C 230 -26.07 -70.75 -34.03
CA LYS C 230 -25.78 -71.50 -32.82
C LYS C 230 -24.34 -71.23 -32.38
N ASP C 231 -23.62 -70.49 -33.21
CA ASP C 231 -22.23 -70.13 -32.93
C ASP C 231 -22.18 -68.68 -32.45
N VAL C 232 -22.77 -67.78 -33.24
CA VAL C 232 -22.80 -66.37 -32.92
C VAL C 232 -23.15 -66.15 -31.45
N GLU C 233 -24.39 -66.45 -31.08
CA GLU C 233 -24.84 -66.29 -29.70
C GLU C 233 -24.13 -67.22 -28.73
N GLU C 234 -23.26 -68.10 -29.25
CA GLU C 234 -22.52 -69.04 -28.42
C GLU C 234 -21.15 -68.54 -28.02
N TRP C 235 -20.65 -67.53 -28.72
CA TRP C 235 -19.34 -66.96 -28.43
C TRP C 235 -19.50 -65.81 -27.44
N GLY C 236 -20.29 -66.01 -26.40
CA GLY C 236 -20.51 -64.95 -25.43
C GLY C 236 -21.33 -63.88 -26.14
N PRO C 237 -22.32 -63.28 -25.46
CA PRO C 237 -23.14 -62.23 -26.10
C PRO C 237 -22.37 -61.12 -26.80
N PHE C 238 -23.09 -60.20 -27.43
CA PHE C 238 -22.47 -59.09 -28.15
C PHE C 238 -23.26 -57.78 -27.99
N ASP C 239 -22.53 -56.69 -27.75
CA ASP C 239 -23.14 -55.37 -27.56
C ASP C 239 -23.04 -54.45 -28.77
N LEU C 240 -21.98 -54.60 -29.57
CA LEU C 240 -21.79 -53.78 -30.76
C LEU C 240 -21.49 -54.63 -32.00
N VAL C 241 -21.98 -54.17 -33.16
CA VAL C 241 -21.77 -54.89 -34.41
C VAL C 241 -20.93 -54.13 -35.42
N TYR C 242 -19.78 -54.70 -35.77
CA TYR C 242 -18.88 -54.07 -36.74
C TYR C 242 -18.95 -54.76 -38.09
N GLY C 243 -19.46 -54.04 -39.08
CA GLY C 243 -19.55 -54.60 -40.42
C GLY C 243 -19.13 -53.57 -41.47
N ALA C 244 -18.12 -53.92 -42.27
CA ALA C 244 -17.64 -53.00 -43.30
C ALA C 244 -17.25 -53.68 -44.61
N THR C 245 -17.70 -53.09 -45.73
CA THR C 245 -17.42 -53.62 -47.06
C THR C 245 -15.91 -53.72 -47.28
N PRO C 246 -15.49 -54.33 -48.41
CA PRO C 246 -14.06 -54.47 -48.70
C PRO C 246 -13.38 -53.16 -49.10
N PRO C 247 -12.06 -53.04 -48.85
CA PRO C 247 -11.29 -51.84 -49.19
C PRO C 247 -11.16 -51.59 -50.71
N LEU C 248 -11.71 -50.47 -51.16
CA LEU C 248 -11.69 -50.03 -52.56
C LEU C 248 -11.40 -51.07 -53.64
N GLY C 249 -10.17 -51.60 -53.66
CA GLY C 249 -9.79 -52.60 -54.64
C GLY C 249 -10.10 -54.04 -54.26
N HIS C 250 -10.39 -54.86 -55.28
CA HIS C 250 -10.71 -56.26 -55.07
C HIS C 250 -9.59 -57.00 -54.34
N THR C 251 -9.74 -57.15 -53.03
CA THR C 251 -8.74 -57.84 -52.23
C THR C 251 -9.18 -59.26 -51.82
N CYS C 252 -10.45 -59.58 -52.09
CA CYS C 252 -10.99 -60.90 -51.76
C CYS C 252 -11.72 -61.59 -52.92
N ASP C 253 -12.07 -60.82 -53.93
CA ASP C 253 -12.77 -61.34 -55.12
C ASP C 253 -14.19 -61.86 -54.83
N ARG C 254 -14.71 -61.61 -53.64
CA ARG C 254 -16.06 -62.04 -53.28
C ARG C 254 -17.02 -60.87 -53.52
N PRO C 255 -18.12 -61.12 -54.25
CA PRO C 255 -19.15 -60.13 -54.59
C PRO C 255 -19.39 -59.01 -53.57
N PRO C 256 -19.91 -57.86 -54.04
CA PRO C 256 -20.22 -56.67 -53.24
C PRO C 256 -21.20 -56.90 -52.09
N SER C 257 -22.48 -57.02 -52.43
CA SER C 257 -23.56 -57.22 -51.46
C SER C 257 -23.42 -58.46 -50.57
N TRP C 258 -22.64 -59.44 -51.00
CA TRP C 258 -22.46 -60.67 -50.22
C TRP C 258 -22.17 -60.38 -48.75
N TYR C 259 -21.27 -59.44 -48.49
CA TYR C 259 -20.91 -59.06 -47.13
C TYR C 259 -22.01 -58.24 -46.48
N LEU C 260 -22.81 -57.55 -47.29
CA LEU C 260 -23.91 -56.74 -46.79
C LEU C 260 -24.99 -57.66 -46.26
N PHE C 261 -25.38 -58.63 -47.08
CA PHE C 261 -26.39 -59.61 -46.73
C PHE C 261 -25.87 -60.48 -45.58
N GLN C 262 -24.69 -61.05 -45.76
CA GLN C 262 -24.07 -61.89 -44.73
C GLN C 262 -24.05 -61.17 -43.39
N PHE C 263 -24.09 -59.84 -43.43
CA PHE C 263 -24.09 -59.03 -42.21
C PHE C 263 -25.48 -59.02 -41.61
N HIS C 264 -26.45 -58.54 -42.40
CA HIS C 264 -27.84 -58.46 -41.97
C HIS C 264 -28.28 -59.80 -41.40
N ARG C 265 -27.49 -60.83 -41.69
CA ARG C 265 -27.75 -62.19 -41.23
C ARG C 265 -27.39 -62.27 -39.75
N LEU C 266 -26.10 -62.42 -39.48
CA LEU C 266 -25.58 -62.55 -38.11
C LEU C 266 -25.92 -61.41 -37.15
N LEU C 267 -26.63 -60.38 -37.64
CA LEU C 267 -27.01 -59.25 -36.80
C LEU C 267 -27.96 -59.75 -35.71
N GLN C 268 -29.11 -60.28 -36.14
CA GLN C 268 -30.12 -60.79 -35.22
C GLN C 268 -29.66 -62.07 -34.52
N TYR C 269 -28.55 -62.65 -34.98
CA TYR C 269 -28.00 -63.87 -34.38
C TYR C 269 -27.28 -63.49 -33.09
N ALA C 270 -27.23 -62.19 -32.80
CA ALA C 270 -26.57 -61.70 -31.60
C ALA C 270 -27.49 -60.89 -30.68
N ARG C 271 -28.52 -60.27 -31.25
CA ARG C 271 -29.45 -59.47 -30.46
C ARG C 271 -30.02 -60.30 -29.31
N PRO C 272 -29.69 -59.94 -28.06
CA PRO C 272 -30.12 -60.63 -26.84
C PRO C 272 -31.61 -61.05 -26.83
N LYS C 273 -31.88 -62.16 -26.15
CA LYS C 273 -33.23 -62.70 -26.05
C LYS C 273 -34.18 -61.59 -25.60
N PRO C 274 -35.02 -61.09 -26.51
CA PRO C 274 -35.98 -60.02 -26.22
C PRO C 274 -36.44 -60.00 -24.76
N GLY C 275 -36.40 -58.81 -24.16
CA GLY C 275 -36.76 -58.68 -22.77
C GLY C 275 -35.51 -58.33 -21.99
N SER C 276 -34.58 -57.66 -22.67
CA SER C 276 -33.31 -57.24 -22.10
C SER C 276 -33.24 -55.71 -22.12
N PRO C 277 -32.39 -55.11 -21.27
CA PRO C 277 -32.24 -53.65 -21.18
C PRO C 277 -32.01 -52.91 -22.52
N GLY C 278 -30.75 -52.61 -22.84
CA GLY C 278 -30.46 -51.90 -24.08
C GLY C 278 -29.03 -51.74 -24.57
N PRO C 279 -28.01 -52.32 -23.92
CA PRO C 279 -26.64 -52.14 -24.44
C PRO C 279 -26.40 -52.89 -25.74
N PHE C 280 -27.03 -52.43 -26.83
CA PHE C 280 -26.85 -53.09 -28.13
C PHE C 280 -26.76 -52.14 -29.33
N PHE C 281 -25.56 -52.03 -29.89
CA PHE C 281 -25.30 -51.16 -31.05
C PHE C 281 -24.67 -51.93 -32.21
N TRP C 282 -24.99 -51.53 -33.44
CA TRP C 282 -24.49 -52.17 -34.65
C TRP C 282 -24.08 -51.11 -35.69
N MET C 283 -23.05 -51.39 -36.47
CA MET C 283 -22.61 -50.45 -37.49
C MET C 283 -22.07 -51.13 -38.75
N PHE C 284 -22.64 -50.73 -39.89
CA PHE C 284 -22.24 -51.26 -41.20
C PHE C 284 -21.71 -50.11 -42.03
N VAL C 285 -20.41 -49.87 -41.94
CA VAL C 285 -19.76 -48.79 -42.68
C VAL C 285 -19.37 -49.22 -44.08
N ASP C 286 -19.72 -48.37 -45.06
CA ASP C 286 -19.42 -48.64 -46.46
C ASP C 286 -17.92 -48.49 -46.72
N ASN C 287 -17.56 -48.44 -47.99
CA ASN C 287 -16.15 -48.30 -48.38
C ASN C 287 -16.10 -47.96 -49.86
N LEU C 288 -17.23 -47.46 -50.38
CA LEU C 288 -17.36 -47.08 -51.78
C LEU C 288 -17.37 -48.30 -52.70
N VAL C 289 -17.66 -49.48 -52.13
CA VAL C 289 -17.70 -50.72 -52.90
C VAL C 289 -19.13 -51.16 -53.20
N LEU C 290 -20.01 -50.18 -53.40
CA LEU C 290 -21.42 -50.45 -53.71
C LEU C 290 -21.93 -49.36 -54.65
N ASN C 291 -22.90 -49.70 -55.49
CA ASN C 291 -23.46 -48.75 -56.44
C ASN C 291 -24.94 -48.46 -56.18
N LYS C 292 -25.58 -47.71 -57.08
CA LYS C 292 -26.99 -47.35 -56.94
C LYS C 292 -27.87 -48.55 -56.65
N GLU C 293 -27.46 -49.72 -57.15
CA GLU C 293 -28.23 -50.96 -56.95
C GLU C 293 -27.99 -51.55 -55.56
N ASP C 294 -26.79 -52.04 -55.33
CA ASP C 294 -26.42 -52.64 -54.04
C ASP C 294 -26.41 -51.60 -52.93
N LEU C 295 -27.21 -50.54 -53.12
CA LEU C 295 -27.32 -49.46 -52.14
C LEU C 295 -28.78 -49.32 -51.75
N ASP C 296 -29.64 -49.03 -52.74
CA ASP C 296 -31.06 -48.90 -52.48
C ASP C 296 -31.56 -50.22 -51.91
N VAL C 297 -30.69 -51.23 -51.97
CA VAL C 297 -30.98 -52.57 -51.48
C VAL C 297 -30.31 -52.80 -50.13
N ALA C 298 -28.99 -52.66 -50.09
CA ALA C 298 -28.22 -52.84 -48.86
C ALA C 298 -28.76 -51.94 -47.77
N SER C 299 -29.58 -50.97 -48.17
CA SER C 299 -30.20 -50.01 -47.27
C SER C 299 -31.54 -50.48 -46.69
N ARG C 300 -32.49 -50.76 -47.58
CA ARG C 300 -33.82 -51.23 -47.17
C ARG C 300 -33.75 -52.32 -46.11
N PHE C 301 -32.75 -53.20 -46.22
CA PHE C 301 -32.57 -54.30 -45.28
C PHE C 301 -32.18 -53.79 -43.89
N LEU C 302 -31.55 -52.63 -43.83
CA LEU C 302 -31.13 -52.05 -42.56
C LEU C 302 -32.08 -50.94 -42.11
N GLU C 303 -33.06 -50.63 -42.95
CA GLU C 303 -34.08 -49.62 -42.67
C GLU C 303 -33.59 -48.21 -42.39
N MET C 304 -32.29 -48.05 -42.19
CA MET C 304 -31.71 -46.74 -41.91
C MET C 304 -31.02 -46.13 -43.13
N GLU C 305 -31.45 -44.94 -43.51
CA GLU C 305 -30.86 -44.26 -44.67
C GLU C 305 -29.36 -44.05 -44.49
N PRO C 306 -28.57 -44.44 -45.50
CA PRO C 306 -27.12 -44.30 -45.45
C PRO C 306 -26.71 -42.87 -45.06
N VAL C 307 -25.54 -42.73 -44.46
CA VAL C 307 -25.04 -41.43 -44.06
C VAL C 307 -23.55 -41.35 -44.37
N THR C 308 -23.18 -40.37 -45.19
CA THR C 308 -21.78 -40.19 -45.61
C THR C 308 -21.00 -39.09 -44.88
N ILE C 309 -19.76 -39.40 -44.53
CA ILE C 309 -18.88 -38.46 -43.84
C ILE C 309 -17.54 -38.36 -44.59
N PRO C 310 -17.31 -37.23 -45.29
CA PRO C 310 -16.09 -36.94 -46.06
C PRO C 310 -14.82 -36.72 -45.23
N ASP C 311 -13.68 -36.73 -45.92
CA ASP C 311 -12.37 -36.53 -45.30
C ASP C 311 -11.64 -35.45 -46.09
N VAL C 312 -12.21 -34.25 -46.11
CA VAL C 312 -11.62 -33.13 -46.85
C VAL C 312 -10.82 -32.16 -46.00
N HIS C 313 -9.72 -31.65 -46.57
CA HIS C 313 -8.85 -30.69 -45.90
C HIS C 313 -8.38 -29.70 -46.95
N GLY C 314 -9.20 -28.68 -47.18
CA GLY C 314 -8.87 -27.65 -48.17
C GLY C 314 -9.41 -28.02 -49.55
N GLY C 315 -10.71 -28.34 -49.61
CA GLY C 315 -11.31 -28.71 -50.88
C GLY C 315 -10.71 -29.95 -51.49
N SER C 316 -9.63 -30.44 -50.89
CA SER C 316 -8.93 -31.63 -51.37
C SER C 316 -9.65 -32.89 -50.88
N LEU C 317 -10.74 -33.25 -51.56
CA LEU C 317 -11.52 -34.42 -51.22
C LEU C 317 -10.71 -35.71 -51.23
N GLN C 318 -10.80 -36.48 -50.14
CA GLN C 318 -10.10 -37.74 -50.00
C GLN C 318 -11.09 -38.87 -49.71
N ASN C 319 -10.61 -39.96 -49.12
CA ASN C 319 -11.48 -41.09 -48.78
C ASN C 319 -12.76 -40.67 -48.09
N ALA C 320 -13.88 -40.87 -48.77
CA ALA C 320 -15.20 -40.54 -48.21
C ALA C 320 -15.85 -41.84 -47.78
N VAL C 321 -16.57 -41.82 -46.66
CA VAL C 321 -17.22 -43.03 -46.16
C VAL C 321 -18.70 -42.87 -45.81
N ARG C 322 -19.47 -43.91 -46.10
CA ARG C 322 -20.91 -43.97 -45.83
C ARG C 322 -21.08 -45.03 -44.74
N VAL C 323 -22.00 -44.81 -43.81
CA VAL C 323 -22.19 -45.78 -42.74
C VAL C 323 -23.64 -45.93 -42.29
N TRP C 324 -23.90 -47.03 -41.58
CA TRP C 324 -25.22 -47.35 -41.04
C TRP C 324 -25.04 -47.82 -39.60
N SER C 325 -25.78 -47.21 -38.67
CA SER C 325 -25.69 -47.61 -37.27
C SER C 325 -26.69 -46.93 -36.35
N ASN C 326 -26.98 -47.60 -35.25
CA ASN C 326 -27.93 -47.12 -34.25
C ASN C 326 -27.32 -46.19 -33.22
N ILE C 327 -26.00 -46.15 -33.15
CA ILE C 327 -25.31 -45.29 -32.19
C ILE C 327 -25.83 -43.86 -32.25
N PRO C 328 -26.21 -43.29 -31.09
CA PRO C 328 -26.75 -41.94 -30.93
C PRO C 328 -26.23 -40.82 -31.82
N ALA C 329 -27.15 -39.93 -32.19
CA ALA C 329 -26.91 -38.76 -33.02
C ALA C 329 -25.77 -38.72 -34.04
N ILE C 330 -25.30 -39.86 -34.52
CA ILE C 330 -24.25 -39.84 -35.54
C ILE C 330 -24.95 -39.97 -36.88
N ARG C 331 -26.19 -39.47 -36.91
CA ARG C 331 -27.03 -39.47 -38.09
C ARG C 331 -27.24 -38.02 -38.50
N SER C 332 -27.43 -37.15 -37.51
CA SER C 332 -27.63 -35.72 -37.75
C SER C 332 -26.26 -35.03 -37.78
N ARG C 333 -25.28 -35.69 -37.15
CA ARG C 333 -23.91 -35.19 -37.10
C ARG C 333 -23.20 -35.67 -38.37
N HIS C 334 -23.82 -35.39 -39.51
CA HIS C 334 -23.28 -35.78 -40.80
C HIS C 334 -22.97 -34.53 -41.62
N TRP C 335 -21.95 -34.64 -42.48
CA TRP C 335 -21.54 -33.53 -43.33
C TRP C 335 -22.50 -33.32 -44.50
N ALA C 336 -23.41 -32.36 -44.34
CA ALA C 336 -24.38 -32.04 -45.38
C ALA C 336 -23.60 -31.68 -46.65
N LEU C 337 -22.30 -31.42 -46.46
CA LEU C 337 -21.40 -31.09 -47.55
C LEU C 337 -20.87 -32.40 -48.13
N VAL C 338 -21.69 -33.02 -48.98
CA VAL C 338 -21.33 -34.28 -49.61
C VAL C 338 -22.14 -34.45 -50.89
N SER C 339 -21.45 -34.57 -52.02
CA SER C 339 -22.11 -34.72 -53.31
C SER C 339 -22.06 -36.17 -53.81
N GLU C 340 -23.05 -36.54 -54.60
CA GLU C 340 -23.13 -37.89 -55.16
C GLU C 340 -22.09 -38.07 -56.25
N GLU C 341 -22.31 -37.41 -57.38
CA GLU C 341 -21.41 -37.49 -58.53
C GLU C 341 -19.98 -37.06 -58.16
N GLU C 342 -19.87 -36.00 -57.36
CA GLU C 342 -18.55 -35.51 -56.95
C GLU C 342 -17.82 -36.63 -56.24
N LEU C 343 -18.58 -37.52 -55.60
CA LEU C 343 -18.02 -38.65 -54.90
C LEU C 343 -17.71 -39.75 -55.92
N SER C 344 -18.58 -39.84 -56.93
CA SER C 344 -18.41 -40.83 -57.99
C SER C 344 -17.02 -40.72 -58.60
N LEU C 345 -16.40 -39.56 -58.39
CA LEU C 345 -15.06 -39.31 -58.91
C LEU C 345 -14.06 -40.27 -58.28
N LEU C 346 -14.06 -40.32 -56.95
CA LEU C 346 -13.15 -41.19 -56.22
C LEU C 346 -13.43 -42.66 -56.50
N ALA C 347 -14.39 -42.91 -57.40
CA ALA C 347 -14.75 -44.28 -57.76
C ALA C 347 -13.79 -44.82 -58.81
N GLN C 348 -13.80 -44.20 -59.99
CA GLN C 348 -12.94 -44.61 -61.09
C GLN C 348 -11.54 -44.03 -60.94
N ASN C 349 -11.33 -43.25 -59.87
CA ASN C 349 -10.04 -42.62 -59.62
C ASN C 349 -9.34 -43.18 -58.39
N LYS C 350 -10.02 -43.19 -57.25
CA LYS C 350 -9.45 -43.70 -56.02
C LYS C 350 -9.38 -45.22 -56.08
N GLN C 351 -9.66 -45.76 -57.27
CA GLN C 351 -9.63 -47.20 -57.51
C GLN C 351 -8.53 -47.55 -58.50
N SER C 352 -8.01 -46.53 -59.20
CA SER C 352 -6.95 -46.72 -60.18
C SER C 352 -5.57 -46.45 -59.58
N SER C 353 -5.55 -45.84 -58.40
CA SER C 353 -4.31 -45.53 -57.71
C SER C 353 -3.70 -46.81 -57.12
N LYS C 354 -2.43 -46.73 -56.73
CA LYS C 354 -1.75 -47.89 -56.16
C LYS C 354 -1.94 -47.97 -54.65
N LEU C 355 -3.19 -47.78 -54.20
CA LEU C 355 -3.52 -47.84 -52.78
C LEU C 355 -3.99 -49.23 -52.37
N ALA C 356 -3.11 -49.96 -51.67
CA ALA C 356 -3.43 -51.31 -51.22
C ALA C 356 -3.04 -51.55 -49.76
N ALA C 357 -3.95 -52.15 -49.00
CA ALA C 357 -3.75 -52.46 -47.58
C ALA C 357 -3.89 -51.25 -46.66
N LYS C 358 -5.11 -50.73 -46.53
CA LYS C 358 -5.38 -49.59 -45.67
C LYS C 358 -6.86 -49.19 -45.73
N TRP C 359 -7.49 -49.07 -44.56
CA TRP C 359 -8.89 -48.70 -44.47
C TRP C 359 -9.04 -47.37 -43.72
N PRO C 360 -9.92 -46.48 -44.21
CA PRO C 360 -10.20 -45.16 -43.63
C PRO C 360 -10.62 -45.21 -42.15
N THR C 361 -9.79 -45.83 -41.33
CA THR C 361 -10.05 -45.96 -39.91
C THR C 361 -10.47 -44.65 -39.26
N LYS C 362 -9.70 -43.60 -39.51
CA LYS C 362 -9.97 -42.28 -38.95
C LYS C 362 -11.39 -41.80 -39.24
N LEU C 363 -11.84 -42.00 -40.46
CA LEU C 363 -13.18 -41.60 -40.86
C LEU C 363 -14.25 -42.07 -39.89
N VAL C 364 -13.95 -43.13 -39.14
CA VAL C 364 -14.93 -43.69 -38.20
C VAL C 364 -14.44 -43.89 -36.77
N LYS C 365 -13.13 -44.07 -36.58
CA LYS C 365 -12.59 -44.29 -35.25
C LYS C 365 -13.03 -43.18 -34.28
N ASN C 366 -13.65 -42.13 -34.81
CA ASN C 366 -14.12 -41.01 -34.00
C ASN C 366 -15.64 -40.81 -34.13
N CYS C 367 -16.35 -41.87 -34.54
CA CYS C 367 -17.80 -41.83 -34.70
C CYS C 367 -18.43 -42.67 -33.59
N PHE C 368 -17.73 -43.75 -33.25
CA PHE C 368 -18.16 -44.69 -32.22
C PHE C 368 -17.72 -44.14 -30.86
N LEU C 369 -18.08 -42.90 -30.58
CA LEU C 369 -17.68 -42.26 -29.33
C LEU C 369 -18.70 -42.36 -28.19
N PRO C 370 -19.93 -41.83 -28.41
CA PRO C 370 -20.94 -41.89 -27.35
C PRO C 370 -20.96 -43.24 -26.64
N LEU C 371 -20.40 -44.25 -27.29
CA LEU C 371 -20.33 -45.59 -26.74
C LEU C 371 -19.54 -45.58 -25.42
N ARG C 372 -19.05 -44.42 -25.05
CA ARG C 372 -18.31 -44.27 -23.81
C ARG C 372 -19.32 -43.99 -22.71
N GLU C 373 -20.43 -43.35 -23.09
CA GLU C 373 -21.51 -43.01 -22.17
C GLU C 373 -22.46 -44.18 -21.98
N TYR C 374 -21.96 -45.39 -22.24
CA TYR C 374 -22.74 -46.62 -22.11
C TYR C 374 -21.91 -47.79 -21.60
N PHE C 375 -20.60 -47.74 -21.87
CA PHE C 375 -19.71 -48.80 -21.42
C PHE C 375 -18.53 -48.26 -20.63
N LYS C 376 -17.79 -49.16 -19.98
CA LYS C 376 -16.64 -48.79 -19.17
C LYS C 376 -15.49 -48.17 -19.96
N TYR C 377 -14.87 -47.14 -19.39
CA TYR C 377 -13.75 -46.44 -20.02
C TYR C 377 -12.41 -46.88 -19.42
N PHE C 378 -11.40 -47.03 -20.28
CA PHE C 378 -10.07 -47.46 -19.84
C PHE C 378 -8.98 -46.47 -20.27
N SER C 379 -7.90 -47.00 -20.86
CA SER C 379 -6.77 -46.20 -21.34
C SER C 379 -5.94 -45.62 -20.20
N THR C 380 -6.46 -45.71 -18.97
CA THR C 380 -5.77 -45.19 -17.79
C THR C 380 -4.72 -46.18 -17.29
ZN ZN D . 29.24 58.60 16.55
ZN ZN E . 14.71 57.72 19.85
ZN ZN F . 34.74 54.01 8.85
ZN ZN G . -13.62 -8.82 -2.55
ZN ZN H . -2.38 -3.77 -10.23
ZN ZN I . -21.40 -3.62 2.93
ZN ZN J . -23.28 -23.15 -19.73
ZN ZN K . -18.55 -35.57 -13.65
ZN ZN L . -32.89 -19.97 -23.15
#